data_9H5Q
#
_entry.id   9H5Q
#
_cell.length_a   68.335
_cell.length_b   94.456
_cell.length_c   127.740
_cell.angle_alpha   90.00
_cell.angle_beta   90.00
_cell.angle_gamma   90.00
#
_symmetry.space_group_name_H-M   'P 21 21 21'
#
loop_
_entity.id
_entity.type
_entity.pdbx_description
1 polymer 'Monoamine oxidase'
2 non-polymer 'FLAVIN-ADENINE DINUCLEOTIDE'
3 non-polymer GLYCEROL
4 non-polymer 1,3-DIAMINOPROPANE
5 non-polymer 4-HYDROXYBUTAN-1-AMINIUM
6 non-polymer 'MAGNESIUM ION'
7 non-polymer SPERMIDINE
8 water water
#
_entity_poly.entity_id   1
_entity_poly.type   'polypeptide(L)'
_entity_poly.pdbx_seq_one_letter_code
;MGSSHHHHHHGSGLVPRGSAGMPSEQVDVVVVGAGFAGLTAARAVHEAGRSVLVLEARDRVGGRTCTEEHHGTWIDLGGQ
WIGPGQDRVAALAAELGVETYPQPTEGDDVVLFGDGEPQRAPDVALAFSDEELTAYLELAGALEAIAEKVPLDAPWLAPE
AAAWDATTLREWVAGTGVPDRVAGLFEVAVQAVFAATSAQLSLLHAAHYVHSAGGWSKLTDTEGGAQQDRLVGGVQPLAE
RLAARLPDGALRLSTPVRGLAQDGDGVTVRTAGGEVRARRAIVAVPPTLAGRIDHDPPLPPQRDQLLQHMPQGSVVKFHV
IYDEPWWRAEGLSGTVLCPDEPIGVTFDGTPPAGTPGIVTGFFEGPAAVAAGARTREERRDVVVDVLARTLGERARDVRD
YIDRDWSAEPWTRGCYGAHLPPGAWTVYGPALRVPVGRVHWAGTETAERWTGYIDGAIESGQRAAAEVLAALGS
;
_entity_poly.pdbx_strand_id   A,B
#
loop_
_chem_comp.id
_chem_comp.type
_chem_comp.name
_chem_comp.formula
13D non-polymer 1,3-DIAMINOPROPANE 'C3 H10 N2'
4HA non-polymer 4-HYDROXYBUTAN-1-AMINIUM 'C4 H12 N O 1'
FAD non-polymer 'FLAVIN-ADENINE DINUCLEOTIDE' 'C27 H33 N9 O15 P2'
GOL non-polymer GLYCEROL 'C3 H8 O3'
MG non-polymer 'MAGNESIUM ION' 'Mg 2'
SPD non-polymer SPERMIDINE 'C7 H19 N3'
#
# COMPACT_ATOMS: atom_id res chain seq x y z
N GLN A 26 -7.67 33.85 10.96
CA GLN A 26 -7.71 32.92 9.80
C GLN A 26 -6.64 33.35 8.80
N VAL A 27 -5.54 32.60 8.66
CA VAL A 27 -4.54 32.85 7.59
C VAL A 27 -5.16 32.45 6.25
N ASP A 28 -4.62 32.96 5.15
CA ASP A 28 -5.14 32.60 3.81
C ASP A 28 -4.84 31.11 3.51
N VAL A 29 -3.62 30.66 3.77
CA VAL A 29 -3.16 29.30 3.34
C VAL A 29 -2.36 28.69 4.50
N VAL A 30 -2.69 27.45 4.81
CA VAL A 30 -1.85 26.62 5.71
C VAL A 30 -1.19 25.55 4.83
N VAL A 31 0.12 25.40 5.00
CA VAL A 31 0.89 24.37 4.29
C VAL A 31 1.32 23.33 5.32
N VAL A 32 1.04 22.06 5.04
CA VAL A 32 1.48 20.94 5.90
C VAL A 32 2.76 20.34 5.30
N GLY A 33 3.89 20.49 5.99
CA GLY A 33 5.18 19.95 5.56
C GLY A 33 6.13 21.03 5.03
N ALA A 34 7.36 21.04 5.53
CA ALA A 34 8.41 22.00 5.12
C ALA A 34 9.55 21.23 4.46
N GLY A 35 9.22 20.26 3.61
CA GLY A 35 10.20 19.85 2.57
C GLY A 35 10.27 20.89 1.44
N PHE A 36 10.97 20.57 0.35
CA PHE A 36 11.09 21.49 -0.80
C PHE A 36 9.71 21.80 -1.38
N ALA A 37 8.78 20.83 -1.39
CA ALA A 37 7.45 21.09 -1.95
C ALA A 37 6.71 22.12 -1.08
N GLY A 38 6.53 21.87 0.22
CA GLY A 38 5.83 22.78 1.14
C GLY A 38 6.46 24.17 1.20
N LEU A 39 7.79 24.25 1.27
CA LEU A 39 8.51 25.54 1.34
C LEU A 39 8.37 26.33 0.03
N THR A 40 8.47 25.66 -1.14
CA THR A 40 8.22 26.28 -2.46
C THR A 40 6.79 26.84 -2.49
N ALA A 41 5.77 26.06 -2.09
CA ALA A 41 4.35 26.50 -2.15
C ALA A 41 4.20 27.72 -1.22
N ALA A 42 4.78 27.66 -0.03
CA ALA A 42 4.61 28.72 1.00
C ALA A 42 5.23 30.02 0.46
N ARG A 43 6.43 29.92 -0.09
CA ARG A 43 7.14 31.13 -0.58
C ARG A 43 6.36 31.71 -1.74
N ALA A 44 5.78 30.89 -2.63
CA ALA A 44 5.00 31.40 -3.78
C ALA A 44 3.72 32.11 -3.26
N VAL A 45 3.07 31.56 -2.26
CA VAL A 45 1.85 32.20 -1.68
C VAL A 45 2.22 33.55 -1.04
N HIS A 46 3.30 33.57 -0.30
CA HIS A 46 3.83 34.78 0.39
C HIS A 46 4.17 35.86 -0.64
N GLU A 47 4.85 35.49 -1.72
CA GLU A 47 5.29 36.45 -2.75
C GLU A 47 4.08 37.01 -3.50
N ALA A 48 2.96 36.28 -3.56
CA ALA A 48 1.73 36.79 -4.19
C ALA A 48 0.97 37.77 -3.27
N GLY A 49 1.34 37.85 -1.99
CA GLY A 49 0.84 38.83 -1.00
C GLY A 49 -0.13 38.19 -0.01
N ARG A 50 -0.33 36.88 -0.08
CA ARG A 50 -1.28 36.20 0.83
C ARG A 50 -0.55 35.79 2.12
N SER A 51 -1.31 35.61 3.22
CA SER A 51 -0.78 35.16 4.53
C SER A 51 -0.62 33.63 4.48
N VAL A 52 0.41 33.11 5.14
CA VAL A 52 0.75 31.66 5.06
C VAL A 52 1.36 31.20 6.40
N LEU A 53 0.99 30.01 6.83
CA LEU A 53 1.59 29.33 8.00
C LEU A 53 2.06 27.99 7.48
N VAL A 54 3.25 27.56 7.84
CA VAL A 54 3.80 26.23 7.45
C VAL A 54 3.94 25.42 8.73
N LEU A 55 3.29 24.29 8.79
CA LEU A 55 3.32 23.39 9.95
C LEU A 55 4.18 22.19 9.61
N GLU A 56 5.30 22.05 10.32
CA GLU A 56 6.30 21.01 10.10
C GLU A 56 6.44 20.12 11.35
N ALA A 57 6.35 18.80 11.15
CA ALA A 57 6.41 17.79 12.24
C ALA A 57 7.80 17.80 12.92
N ARG A 58 8.87 17.92 12.13
CA ARG A 58 10.23 17.77 12.67
C ARG A 58 10.71 19.10 13.27
N ASP A 59 11.79 19.03 14.03
CA ASP A 59 12.53 20.20 14.57
C ASP A 59 13.40 20.90 13.51
N ARG A 60 13.19 20.63 12.24
CA ARG A 60 13.99 21.16 11.11
C ARG A 60 13.12 21.19 9.84
N VAL A 61 13.55 21.96 8.85
CA VAL A 61 13.01 21.88 7.46
C VAL A 61 13.88 20.90 6.67
N GLY A 62 13.40 20.55 5.47
CA GLY A 62 14.18 19.78 4.46
C GLY A 62 13.58 18.43 4.20
N GLY A 63 12.94 17.81 5.19
CA GLY A 63 12.23 16.52 5.01
C GLY A 63 13.16 15.39 4.55
N ARG A 64 12.96 14.89 3.34
CA ARG A 64 13.80 13.82 2.74
C ARG A 64 15.19 14.31 2.34
N THR A 65 15.51 15.59 2.51
CA THR A 65 16.89 16.12 2.51
C THR A 65 17.24 16.44 3.96
N CYS A 66 18.45 16.09 4.38
CA CYS A 66 18.86 16.14 5.79
C CYS A 66 20.36 16.15 5.80
N THR A 67 20.94 17.19 6.40
CA THR A 67 22.41 17.35 6.37
C THR A 67 22.91 17.53 7.80
N GLU A 68 23.92 16.76 8.20
CA GLU A 68 24.54 16.87 9.54
C GLU A 68 26.02 17.16 9.34
N GLU A 69 26.63 17.91 10.26
CA GLU A 69 28.08 18.20 10.25
C GLU A 69 28.82 17.09 11.02
N HIS A 70 29.75 16.38 10.38
CA HIS A 70 30.60 15.33 11.02
C HIS A 70 31.98 15.44 10.38
N HIS A 71 33.06 15.29 11.16
CA HIS A 71 34.43 15.24 10.59
C HIS A 71 34.73 16.53 9.81
N GLY A 72 34.17 17.66 10.25
CA GLY A 72 34.42 18.99 9.68
C GLY A 72 33.81 19.19 8.30
N THR A 73 32.84 18.39 7.90
CA THR A 73 32.19 18.56 6.57
C THR A 73 30.72 18.21 6.71
N TRP A 74 29.99 18.34 5.60
CA TRP A 74 28.54 18.06 5.56
C TRP A 74 28.32 16.61 5.18
N ILE A 75 27.38 15.97 5.86
CA ILE A 75 26.93 14.59 5.52
C ILE A 75 25.48 14.72 5.08
N ASP A 76 25.23 14.48 3.81
CA ASP A 76 23.83 14.45 3.28
C ASP A 76 23.25 13.06 3.53
N LEU A 77 22.41 12.92 4.54
CA LEU A 77 21.76 11.63 4.91
C LEU A 77 20.56 11.39 3.99
N GLY A 78 20.02 12.45 3.39
CA GLY A 78 18.92 12.33 2.41
C GLY A 78 19.38 12.70 1.01
N GLY A 79 18.50 13.30 0.21
CA GLY A 79 18.88 13.62 -1.17
C GLY A 79 20.04 14.57 -1.28
N GLN A 80 20.96 14.26 -2.18
CA GLN A 80 22.24 15.01 -2.24
C GLN A 80 22.59 15.53 -3.64
N TRP A 81 22.10 14.91 -4.73
CA TRP A 81 22.58 15.16 -6.11
C TRP A 81 21.56 16.01 -6.87
N ILE A 82 22.06 16.84 -7.77
CA ILE A 82 21.23 17.49 -8.83
C ILE A 82 21.97 17.31 -10.14
N GLY A 83 21.25 17.36 -11.24
CA GLY A 83 21.85 17.01 -12.52
C GLY A 83 21.19 17.80 -13.63
N PRO A 84 21.78 17.71 -14.83
CA PRO A 84 21.28 18.48 -15.97
C PRO A 84 19.84 18.08 -16.30
N GLY A 85 19.02 19.08 -16.64
CA GLY A 85 17.58 18.88 -16.92
C GLY A 85 16.72 19.25 -15.70
N GLN A 86 17.32 19.31 -14.49
CA GLN A 86 16.58 19.61 -13.22
C GLN A 86 16.69 21.12 -13.05
N ASP A 87 15.92 21.84 -13.85
CA ASP A 87 16.09 23.31 -13.96
C ASP A 87 15.52 24.04 -12.73
N ARG A 88 14.53 23.48 -12.01
CA ARG A 88 13.88 24.21 -10.91
C ARG A 88 14.87 24.27 -9.73
N VAL A 89 15.53 23.15 -9.42
CA VAL A 89 16.50 23.12 -8.29
C VAL A 89 17.74 23.93 -8.69
N ALA A 90 18.17 23.85 -9.95
CA ALA A 90 19.34 24.61 -10.42
C ALA A 90 19.06 26.09 -10.25
N ALA A 91 17.91 26.58 -10.74
CA ALA A 91 17.51 27.99 -10.57
C ALA A 91 17.46 28.37 -9.08
N LEU A 92 16.90 27.52 -8.19
CA LEU A 92 16.72 27.86 -6.77
C LEU A 92 18.12 28.02 -6.15
N ALA A 93 19.03 27.09 -6.47
CA ALA A 93 20.39 27.12 -5.86
C ALA A 93 21.13 28.39 -6.32
N ALA A 94 20.93 28.81 -7.57
CA ALA A 94 21.59 30.02 -8.12
C ALA A 94 20.96 31.26 -7.45
N GLU A 95 19.63 31.26 -7.32
CA GLU A 95 18.90 32.36 -6.64
C GLU A 95 19.41 32.55 -5.20
N LEU A 96 19.54 31.47 -4.41
CA LEU A 96 19.81 31.56 -2.97
C LEU A 96 21.30 31.51 -2.65
N GLY A 97 22.18 31.45 -3.66
CA GLY A 97 23.64 31.55 -3.53
C GLY A 97 24.31 30.26 -3.08
N VAL A 98 23.78 29.09 -3.42
CA VAL A 98 24.44 27.81 -3.04
C VAL A 98 25.18 27.26 -4.26
N GLU A 99 26.48 27.09 -4.13
CA GLU A 99 27.37 26.65 -5.24
C GLU A 99 27.30 25.13 -5.37
N THR A 100 27.65 24.60 -6.53
CA THR A 100 27.73 23.14 -6.76
C THR A 100 29.18 22.71 -6.80
N TYR A 101 29.42 21.42 -6.63
CA TYR A 101 30.70 20.79 -6.95
C TYR A 101 30.39 19.51 -7.66
N PRO A 102 31.26 19.07 -8.57
CA PRO A 102 30.95 17.90 -9.38
C PRO A 102 31.15 16.60 -8.60
N GLN A 103 30.25 15.64 -8.85
CA GLN A 103 30.50 14.24 -8.43
C GLN A 103 31.78 13.76 -9.12
N PRO A 104 32.81 13.30 -8.39
CA PRO A 104 33.97 12.72 -9.04
C PRO A 104 33.59 11.59 -10.02
N THR A 105 34.23 11.57 -11.19
CA THR A 105 33.89 10.67 -12.32
C THR A 105 35.10 9.80 -12.68
N GLU A 106 36.33 10.20 -12.30
CA GLU A 106 37.57 9.62 -12.88
C GLU A 106 38.06 8.46 -12.00
N GLY A 107 38.90 7.62 -12.58
CA GLY A 107 39.47 6.44 -11.91
C GLY A 107 38.68 5.23 -12.34
N ASP A 108 39.24 4.03 -12.13
CA ASP A 108 38.59 2.75 -12.47
C ASP A 108 37.47 2.42 -11.48
N ASP A 109 36.33 2.02 -12.03
CA ASP A 109 35.19 1.40 -11.30
C ASP A 109 35.60 -0.05 -11.02
N VAL A 110 35.07 -0.65 -9.95
CA VAL A 110 35.30 -2.09 -9.65
C VAL A 110 33.98 -2.84 -9.87
N VAL A 111 34.03 -3.93 -10.65
CA VAL A 111 32.83 -4.79 -10.83
C VAL A 111 33.13 -6.16 -10.21
N LEU A 112 32.18 -6.65 -9.41
CA LEU A 112 32.29 -7.98 -8.75
C LEU A 112 31.03 -8.80 -9.06
N PHE A 113 31.22 -10.00 -9.60
CA PHE A 113 30.11 -10.94 -9.92
C PHE A 113 30.25 -12.17 -9.06
N GLY A 114 29.28 -12.44 -8.18
CA GLY A 114 29.18 -13.70 -7.43
C GLY A 114 30.48 -14.00 -6.70
N ASP A 115 31.01 -15.24 -6.87
CA ASP A 115 32.25 -15.71 -6.19
C ASP A 115 33.53 -15.32 -6.96
N GLY A 116 33.45 -14.48 -8.00
CA GLY A 116 34.59 -14.12 -8.86
C GLY A 116 35.60 -13.21 -8.17
N GLU A 117 36.61 -12.79 -8.91
CA GLU A 117 37.58 -11.77 -8.45
C GLU A 117 37.07 -10.41 -8.91
N PRO A 118 37.32 -9.33 -8.14
CA PRO A 118 36.90 -7.99 -8.58
C PRO A 118 37.62 -7.56 -9.86
N GLN A 119 36.91 -6.91 -10.80
CA GLN A 119 37.44 -6.44 -12.12
C GLN A 119 37.54 -4.91 -12.11
N ARG A 120 38.73 -4.33 -12.34
CA ARG A 120 38.88 -2.86 -12.50
C ARG A 120 38.59 -2.49 -13.96
N ALA A 121 37.79 -1.46 -14.23
CA ALA A 121 37.52 -1.00 -15.60
C ALA A 121 37.32 0.51 -15.59
N PRO A 122 37.79 1.23 -16.65
CA PRO A 122 37.60 2.67 -16.75
C PRO A 122 36.13 3.06 -16.64
N ASP A 123 35.23 2.15 -16.98
CA ASP A 123 33.78 2.30 -16.73
C ASP A 123 33.20 0.92 -16.44
N VAL A 124 32.15 0.92 -15.63
CA VAL A 124 31.28 -0.26 -15.38
C VAL A 124 31.01 -1.02 -16.70
N ALA A 125 30.58 -0.33 -17.77
CA ALA A 125 30.20 -0.95 -19.06
C ALA A 125 31.24 -2.01 -19.50
N LEU A 126 32.53 -1.69 -19.41
CA LEU A 126 33.63 -2.47 -20.02
C LEU A 126 33.84 -3.81 -19.28
N ALA A 127 33.04 -4.13 -18.27
CA ALA A 127 33.10 -5.44 -17.55
C ALA A 127 32.08 -6.43 -18.12
N PHE A 128 31.40 -6.02 -19.19
CA PHE A 128 30.38 -6.82 -19.91
C PHE A 128 30.85 -7.01 -21.35
N SER A 129 30.43 -8.11 -21.98
CA SER A 129 30.77 -8.41 -23.40
C SER A 129 30.05 -7.41 -24.29
N ASP A 130 30.47 -7.33 -25.55
CA ASP A 130 29.82 -6.47 -26.59
C ASP A 130 28.35 -6.86 -26.72
N GLU A 131 28.05 -8.16 -26.77
CA GLU A 131 26.67 -8.70 -26.92
C GLU A 131 25.82 -8.29 -25.72
N GLU A 132 26.37 -8.40 -24.52
CA GLU A 132 25.71 -7.95 -23.26
C GLU A 132 25.41 -6.45 -23.31
N LEU A 133 26.38 -5.61 -23.66
CA LEU A 133 26.19 -4.13 -23.71
C LEU A 133 25.10 -3.79 -24.74
N THR A 134 25.10 -4.44 -25.91
CA THR A 134 24.06 -4.24 -26.96
C THR A 134 22.68 -4.62 -26.40
N ALA A 135 22.55 -5.73 -25.70
CA ALA A 135 21.26 -6.18 -25.12
C ALA A 135 20.79 -5.17 -24.06
N TYR A 136 21.70 -4.65 -23.23
CA TYR A 136 21.40 -3.62 -22.21
C TYR A 136 20.88 -2.33 -22.86
N LEU A 137 21.59 -1.84 -23.86
CA LEU A 137 21.20 -0.58 -24.54
C LEU A 137 19.90 -0.79 -25.29
N GLU A 138 19.63 -2.00 -25.83
CA GLU A 138 18.33 -2.25 -26.54
C GLU A 138 17.22 -2.34 -25.50
N LEU A 139 17.48 -2.96 -24.34
CA LEU A 139 16.48 -3.04 -23.23
C LEU A 139 16.14 -1.63 -22.74
N ALA A 140 17.14 -0.79 -22.46
CA ALA A 140 16.91 0.60 -22.00
C ALA A 140 16.14 1.35 -23.09
N GLY A 141 16.55 1.21 -24.35
CA GLY A 141 15.88 1.86 -25.48
C GLY A 141 14.42 1.49 -25.59
N ALA A 142 14.09 0.21 -25.43
CA ALA A 142 12.70 -0.28 -25.51
C ALA A 142 11.86 0.30 -24.36
N LEU A 143 12.43 0.42 -23.16
CA LEU A 143 11.71 1.04 -22.00
C LEU A 143 11.50 2.54 -22.28
N GLU A 144 12.47 3.25 -22.87
CA GLU A 144 12.30 4.66 -23.29
C GLU A 144 11.19 4.79 -24.34
N ALA A 145 11.09 3.84 -25.25
CA ALA A 145 10.08 3.95 -26.36
C ALA A 145 8.70 3.78 -25.72
N ILE A 146 8.55 2.95 -24.68
CA ILE A 146 7.27 2.81 -23.92
C ILE A 146 7.05 4.12 -23.15
N ALA A 147 8.09 4.59 -22.46
CA ALA A 147 7.99 5.79 -21.61
C ALA A 147 7.41 6.97 -22.39
N GLU A 148 7.93 7.24 -23.59
CA GLU A 148 7.54 8.42 -24.42
C GLU A 148 6.03 8.42 -24.74
N LYS A 149 5.31 7.30 -24.58
CA LYS A 149 3.86 7.22 -24.87
C LYS A 149 3.05 7.51 -23.60
N VAL A 150 3.70 7.67 -22.43
CA VAL A 150 2.97 7.83 -21.14
C VAL A 150 2.85 9.30 -20.81
N PRO A 151 1.64 9.88 -20.80
CA PRO A 151 1.53 11.30 -20.52
C PRO A 151 1.98 11.64 -19.11
N LEU A 152 2.80 12.68 -18.98
CA LEU A 152 3.42 12.99 -17.66
C LEU A 152 2.32 13.39 -16.68
N ASP A 153 1.23 14.01 -17.14
CA ASP A 153 0.19 14.54 -16.21
C ASP A 153 -0.90 13.49 -15.94
N ALA A 154 -0.90 12.37 -16.67
CA ALA A 154 -2.00 11.38 -16.66
C ALA A 154 -1.48 10.08 -17.23
N PRO A 155 -0.65 9.31 -16.49
CA PRO A 155 -0.17 8.03 -17.01
C PRO A 155 -1.30 7.04 -17.37
N TRP A 156 -2.44 7.16 -16.69
CA TRP A 156 -3.64 6.30 -16.93
C TRP A 156 -4.20 6.55 -18.34
N LEU A 157 -3.75 7.59 -19.07
CA LEU A 157 -4.31 7.92 -20.41
C LEU A 157 -3.33 7.45 -21.48
N ALA A 158 -2.29 6.72 -21.11
CA ALA A 158 -1.43 6.07 -22.14
C ALA A 158 -2.33 5.16 -22.97
N PRO A 159 -2.17 5.14 -24.31
CA PRO A 159 -2.99 4.23 -25.16
C PRO A 159 -3.00 2.77 -24.64
N GLU A 160 -1.86 2.28 -24.17
CA GLU A 160 -1.74 0.89 -23.66
C GLU A 160 -1.77 0.84 -22.11
N ALA A 161 -2.35 1.85 -21.43
CA ALA A 161 -2.30 1.96 -19.95
C ALA A 161 -2.78 0.64 -19.32
N ALA A 162 -3.91 0.10 -19.77
CA ALA A 162 -4.48 -1.14 -19.17
C ALA A 162 -3.48 -2.30 -19.15
N ALA A 163 -2.84 -2.56 -20.29
CA ALA A 163 -1.88 -3.67 -20.45
C ALA A 163 -0.65 -3.35 -19.59
N TRP A 164 -0.13 -2.14 -19.73
CA TRP A 164 1.12 -1.75 -19.03
C TRP A 164 0.90 -1.70 -17.51
N ASP A 165 -0.31 -1.41 -17.05
CA ASP A 165 -0.61 -1.36 -15.60
C ASP A 165 -0.84 -2.76 -15.04
N ALA A 166 -1.06 -3.76 -15.88
CA ALA A 166 -1.35 -5.13 -15.39
C ALA A 166 -0.08 -5.97 -15.35
N THR A 167 1.04 -5.38 -15.75
CA THR A 167 2.32 -6.10 -15.92
C THR A 167 3.33 -5.52 -14.94
N THR A 168 4.16 -6.33 -14.29
CA THR A 168 5.29 -5.81 -13.48
C THR A 168 6.39 -5.42 -14.46
N LEU A 169 7.31 -4.57 -14.00
CA LEU A 169 8.54 -4.34 -14.80
C LEU A 169 9.28 -5.68 -14.98
N ARG A 170 9.30 -6.54 -13.96
CA ARG A 170 10.09 -7.79 -14.02
C ARG A 170 9.52 -8.68 -15.14
N GLU A 171 8.21 -8.84 -15.22
CA GLU A 171 7.57 -9.64 -16.30
C GLU A 171 8.01 -9.09 -17.67
N TRP A 172 7.94 -7.77 -17.84
CA TRP A 172 8.35 -7.14 -19.12
C TRP A 172 9.82 -7.45 -19.43
N VAL A 173 10.74 -7.27 -18.49
CA VAL A 173 12.20 -7.58 -18.71
C VAL A 173 12.32 -9.05 -19.13
N ALA A 174 11.60 -9.95 -18.48
CA ALA A 174 11.71 -11.40 -18.76
C ALA A 174 11.23 -11.68 -20.19
N GLY A 175 10.18 -11.01 -20.64
CA GLY A 175 9.63 -11.14 -21.99
C GLY A 175 10.56 -10.64 -23.09
N THR A 176 11.61 -9.87 -22.78
CA THR A 176 12.55 -9.30 -23.79
C THR A 176 13.61 -10.35 -24.18
N GLY A 177 13.78 -11.41 -23.40
CA GLY A 177 14.76 -12.48 -23.68
C GLY A 177 16.21 -12.05 -23.50
N VAL A 178 16.49 -10.95 -22.77
CA VAL A 178 17.91 -10.60 -22.45
C VAL A 178 18.54 -11.69 -21.60
N PRO A 179 19.89 -11.82 -21.68
CA PRO A 179 20.62 -12.80 -20.89
C PRO A 179 20.62 -12.47 -19.38
N ASP A 180 20.83 -13.50 -18.57
CA ASP A 180 20.93 -13.45 -17.09
C ASP A 180 21.73 -12.22 -16.65
N ARG A 181 22.93 -12.02 -17.17
CA ARG A 181 23.81 -10.96 -16.61
C ARG A 181 23.23 -9.57 -16.94
N VAL A 182 22.59 -9.42 -18.09
CA VAL A 182 21.97 -8.14 -18.51
C VAL A 182 20.78 -7.89 -17.58
N ALA A 183 19.92 -8.89 -17.35
CA ALA A 183 18.79 -8.76 -16.37
C ALA A 183 19.33 -8.36 -14.98
N GLY A 184 20.42 -8.97 -14.51
CA GLY A 184 21.02 -8.66 -13.19
C GLY A 184 21.55 -7.24 -13.11
N LEU A 185 22.20 -6.77 -14.19
CA LEU A 185 22.78 -5.42 -14.25
C LEU A 185 21.62 -4.40 -14.24
N PHE A 186 20.62 -4.64 -15.08
CA PHE A 186 19.42 -3.78 -15.13
C PHE A 186 18.79 -3.73 -13.72
N GLU A 187 18.67 -4.87 -13.05
CA GLU A 187 18.05 -4.98 -11.69
C GLU A 187 18.82 -4.09 -10.70
N VAL A 188 20.18 -4.05 -10.75
CA VAL A 188 20.99 -3.13 -9.90
C VAL A 188 20.52 -1.68 -10.14
N ALA A 189 20.40 -1.28 -11.41
CA ALA A 189 19.93 0.06 -11.83
C ALA A 189 18.50 0.30 -11.34
N VAL A 190 17.59 -0.65 -11.59
CA VAL A 190 16.20 -0.52 -11.06
C VAL A 190 16.24 -0.27 -9.55
N GLN A 191 16.95 -1.05 -8.76
CA GLN A 191 16.94 -0.89 -7.29
C GLN A 191 17.56 0.44 -6.87
N ALA A 192 18.63 0.88 -7.54
CA ALA A 192 19.32 2.16 -7.26
C ALA A 192 18.39 3.34 -7.54
N VAL A 193 17.52 3.26 -8.55
CA VAL A 193 16.60 4.36 -8.95
C VAL A 193 15.31 4.35 -8.10
N PHE A 194 14.69 3.19 -7.92
CA PHE A 194 13.32 3.05 -7.36
C PHE A 194 13.32 2.64 -5.88
N ALA A 195 14.44 2.16 -5.34
CA ALA A 195 14.47 1.66 -3.94
C ALA A 195 13.41 0.55 -3.79
N ALA A 196 13.30 -0.31 -4.80
CA ALA A 196 12.27 -1.36 -4.91
C ALA A 196 12.73 -2.30 -6.03
N THR A 197 12.28 -3.55 -6.02
CA THR A 197 12.68 -4.53 -7.07
C THR A 197 11.78 -4.33 -8.31
N SER A 198 12.19 -4.86 -9.45
CA SER A 198 11.38 -4.82 -10.69
C SER A 198 10.05 -5.56 -10.48
N ALA A 199 9.93 -6.45 -9.49
CA ALA A 199 8.70 -7.23 -9.27
C ALA A 199 7.65 -6.36 -8.58
N GLN A 200 8.06 -5.32 -7.85
CA GLN A 200 7.16 -4.52 -6.98
C GLN A 200 6.44 -3.46 -7.83
N LEU A 201 7.08 -3.09 -8.94
CA LEU A 201 6.68 -1.90 -9.77
C LEU A 201 5.81 -2.35 -10.92
N SER A 202 4.76 -1.61 -11.26
CA SER A 202 4.10 -1.80 -12.58
C SER A 202 5.03 -1.26 -13.67
N LEU A 203 4.91 -1.82 -14.86
CA LEU A 203 5.64 -1.32 -16.04
C LEU A 203 5.15 0.10 -16.30
N LEU A 204 3.85 0.38 -16.14
CA LEU A 204 3.31 1.76 -16.37
C LEU A 204 4.00 2.75 -15.41
N HIS A 205 4.21 2.35 -14.14
CA HIS A 205 4.87 3.25 -13.15
C HIS A 205 6.29 3.53 -13.61
N ALA A 206 7.06 2.49 -13.94
CA ALA A 206 8.48 2.62 -14.31
C ALA A 206 8.58 3.47 -15.57
N ALA A 207 7.75 3.22 -16.58
CA ALA A 207 7.72 4.02 -17.84
C ALA A 207 7.41 5.48 -17.58
N HIS A 208 6.40 5.80 -16.75
CA HIS A 208 6.10 7.21 -16.42
C HIS A 208 7.33 7.85 -15.79
N TYR A 209 8.01 7.11 -14.92
CA TYR A 209 9.15 7.66 -14.14
C TYR A 209 10.27 8.00 -15.10
N VAL A 210 10.56 7.10 -16.05
CA VAL A 210 11.57 7.29 -17.12
C VAL A 210 11.23 8.50 -17.99
N HIS A 211 10.00 8.61 -18.45
CA HIS A 211 9.53 9.79 -19.20
C HIS A 211 9.72 11.06 -18.36
N SER A 212 9.35 11.03 -17.08
CA SER A 212 9.40 12.19 -16.16
C SER A 212 10.85 12.72 -16.06
N ALA A 213 11.84 11.84 -16.07
CA ALA A 213 13.27 12.24 -15.91
C ALA A 213 13.88 12.62 -17.26
N GLY A 214 13.26 12.26 -18.37
CA GLY A 214 13.81 12.51 -19.72
C GLY A 214 14.72 11.38 -20.17
N GLY A 215 14.54 10.16 -19.65
CA GLY A 215 15.23 9.02 -20.21
C GLY A 215 16.01 8.20 -19.21
N TRP A 216 16.43 7.01 -19.63
CA TRP A 216 17.13 6.05 -18.75
C TRP A 216 18.53 6.59 -18.43
N SER A 217 19.24 7.15 -19.41
CA SER A 217 20.53 7.83 -19.17
C SER A 217 20.43 8.94 -18.13
N LYS A 218 19.37 9.73 -18.20
CA LYS A 218 19.16 10.84 -17.22
C LYS A 218 19.07 10.26 -15.81
N LEU A 219 18.47 9.08 -15.64
CA LEU A 219 18.34 8.45 -14.30
C LEU A 219 19.65 7.84 -13.85
N THR A 220 20.41 7.21 -14.76
CA THR A 220 21.50 6.29 -14.31
C THR A 220 22.89 6.90 -14.47
N ASP A 221 23.08 7.92 -15.31
CA ASP A 221 24.43 8.49 -15.58
C ASP A 221 24.86 9.42 -14.43
N THR A 222 26.18 9.51 -14.20
CA THR A 222 26.78 10.58 -13.37
C THR A 222 26.95 11.81 -14.25
N GLU A 223 27.98 11.82 -15.10
CA GLU A 223 28.14 12.94 -16.06
C GLU A 223 26.95 12.93 -17.03
N GLY A 224 26.25 14.04 -17.15
CA GLY A 224 25.09 14.16 -18.07
C GLY A 224 23.81 13.64 -17.41
N GLY A 225 23.86 13.24 -16.12
CA GLY A 225 22.70 12.59 -15.47
C GLY A 225 22.40 13.12 -14.07
N ALA A 226 21.50 12.41 -13.38
CA ALA A 226 20.95 12.86 -12.08
C ALA A 226 22.04 12.88 -11.00
N GLN A 227 23.15 12.15 -11.14
CA GLN A 227 24.21 12.11 -10.10
C GLN A 227 25.38 13.03 -10.45
N GLN A 228 25.16 14.04 -11.29
CA GLN A 228 26.29 14.85 -11.81
C GLN A 228 26.88 15.76 -10.73
N ASP A 229 26.06 16.40 -9.93
CA ASP A 229 26.52 17.55 -9.09
C ASP A 229 25.97 17.41 -7.66
N ARG A 230 26.76 17.91 -6.70
CA ARG A 230 26.43 18.07 -5.25
C ARG A 230 26.35 19.58 -4.93
N LEU A 231 25.83 19.93 -3.78
CA LEU A 231 25.72 21.30 -3.28
C LEU A 231 26.79 21.51 -2.23
N VAL A 232 27.59 22.55 -2.41
CA VAL A 232 28.56 22.93 -1.34
C VAL A 232 27.80 23.23 -0.04
N GLY A 233 28.15 22.54 1.06
CA GLY A 233 27.51 22.65 2.39
C GLY A 233 26.34 21.69 2.56
N GLY A 234 25.93 20.99 1.51
CA GLY A 234 24.81 20.03 1.62
C GLY A 234 23.45 20.64 1.27
N VAL A 235 22.44 19.81 1.23
CA VAL A 235 21.12 20.21 0.65
C VAL A 235 20.22 20.83 1.72
N GLN A 236 20.28 20.36 2.97
CA GLN A 236 19.34 20.90 4.01
C GLN A 236 19.56 22.40 4.17
N PRO A 237 20.81 22.94 4.06
CA PRO A 237 21.01 24.40 4.15
C PRO A 237 20.37 25.17 2.97
N LEU A 238 20.18 24.52 1.82
CA LEU A 238 19.43 25.17 0.71
C LEU A 238 17.96 25.31 1.10
N ALA A 239 17.35 24.24 1.63
CA ALA A 239 15.98 24.32 2.14
C ALA A 239 15.88 25.42 3.20
N GLU A 240 16.89 25.52 4.06
CA GLU A 240 16.88 26.57 5.13
C GLU A 240 16.92 27.96 4.49
N ARG A 241 17.72 28.18 3.47
CA ARG A 241 17.76 29.50 2.81
C ARG A 241 16.38 29.79 2.22
N LEU A 242 15.71 28.77 1.69
CA LEU A 242 14.37 28.95 1.10
C LEU A 242 13.39 29.31 2.23
N ALA A 243 13.44 28.61 3.37
CA ALA A 243 12.56 28.93 4.53
C ALA A 243 12.84 30.35 5.08
N ALA A 244 14.08 30.84 4.94
CA ALA A 244 14.47 32.18 5.38
C ALA A 244 13.81 33.27 4.50
N ARG A 245 13.18 32.91 3.39
CA ARG A 245 12.42 33.88 2.57
C ARG A 245 11.00 34.03 3.15
N LEU A 246 10.57 33.23 4.10
CA LEU A 246 9.25 33.41 4.72
C LEU A 246 9.38 34.44 5.83
N PRO A 247 8.31 35.17 6.15
CA PRO A 247 8.33 36.08 7.29
C PRO A 247 8.49 35.31 8.61
N ASP A 248 9.09 35.95 9.60
CA ASP A 248 9.10 35.42 10.99
C ASP A 248 7.65 35.12 11.39
N GLY A 249 7.45 34.00 12.07
CA GLY A 249 6.13 33.57 12.53
C GLY A 249 5.45 32.63 11.55
N ALA A 250 5.87 32.59 10.31
CA ALA A 250 5.20 31.77 9.26
C ALA A 250 5.49 30.26 9.52
N LEU A 251 6.67 29.91 9.99
CA LEU A 251 7.10 28.50 10.15
C LEU A 251 6.86 28.08 11.58
N ARG A 252 6.18 26.95 11.78
CA ARG A 252 6.06 26.32 13.11
C ARG A 252 6.71 24.93 13.01
N LEU A 253 7.87 24.75 13.65
CA LEU A 253 8.55 23.43 13.73
C LEU A 253 7.99 22.62 14.91
N SER A 254 8.31 21.33 14.94
CA SER A 254 7.88 20.36 15.97
C SER A 254 6.38 20.45 16.17
N THR A 255 5.62 20.57 15.07
CA THR A 255 4.14 20.74 15.12
C THR A 255 3.51 19.79 14.10
N PRO A 256 3.44 18.48 14.41
CA PRO A 256 2.76 17.53 13.55
C PRO A 256 1.30 17.94 13.37
N VAL A 257 0.81 17.81 12.15
CA VAL A 257 -0.63 17.97 11.86
C VAL A 257 -1.29 16.61 12.06
N ARG A 258 -2.31 16.59 12.94
CA ARG A 258 -3.10 15.39 13.32
CA ARG A 258 -3.09 15.38 13.30
C ARG A 258 -4.42 15.34 12.53
N GLY A 259 -5.05 16.48 12.35
CA GLY A 259 -6.34 16.54 11.64
C GLY A 259 -6.44 17.71 10.68
N LEU A 260 -7.32 17.56 9.71
CA LEU A 260 -7.58 18.62 8.73
C LEU A 260 -9.05 18.55 8.37
N ALA A 261 -9.83 19.49 8.91
CA ALA A 261 -11.28 19.58 8.68
C ALA A 261 -11.54 20.71 7.71
N GLN A 262 -12.63 20.63 6.98
CA GLN A 262 -13.00 21.72 6.06
C GLN A 262 -14.52 21.82 5.97
N ASP A 263 -14.96 23.04 5.70
CA ASP A 263 -16.40 23.34 5.49
C ASP A 263 -16.53 24.36 4.37
N GLY A 264 -17.72 24.95 4.20
CA GLY A 264 -17.96 25.99 3.17
C GLY A 264 -17.11 27.25 3.31
N ASP A 265 -16.56 27.56 4.49
CA ASP A 265 -15.88 28.86 4.78
C ASP A 265 -14.35 28.68 4.89
N GLY A 266 -13.82 27.47 5.08
CA GLY A 266 -12.36 27.35 5.28
C GLY A 266 -11.94 25.97 5.77
N VAL A 267 -10.75 25.91 6.31
CA VAL A 267 -10.16 24.67 6.84
C VAL A 267 -9.76 24.94 8.29
N THR A 268 -9.72 23.88 9.09
CA THR A 268 -9.20 23.91 10.46
C THR A 268 -8.20 22.79 10.60
N VAL A 269 -6.99 23.13 11.02
CA VAL A 269 -5.87 22.19 11.22
C VAL A 269 -5.73 21.93 12.70
N ARG A 270 -5.80 20.66 13.09
CA ARG A 270 -5.67 20.21 14.48
C ARG A 270 -4.25 19.71 14.71
N THR A 271 -3.59 20.27 15.70
CA THR A 271 -2.25 19.86 16.19
C THR A 271 -2.42 19.44 17.65
N ALA A 272 -1.38 18.90 18.30
CA ALA A 272 -1.38 18.61 19.76
C ALA A 272 -1.57 19.93 20.54
N GLY A 273 -0.98 21.02 20.05
CA GLY A 273 -0.91 22.31 20.75
C GLY A 273 -2.01 23.27 20.37
N GLY A 274 -2.98 22.84 19.54
CA GLY A 274 -4.23 23.57 19.27
C GLY A 274 -4.58 23.56 17.79
N GLU A 275 -5.30 24.57 17.31
CA GLU A 275 -5.90 24.56 15.95
C GLU A 275 -5.47 25.82 15.20
N VAL A 276 -5.34 25.74 13.88
CA VAL A 276 -5.06 26.87 12.95
C VAL A 276 -6.25 26.91 11.99
N ARG A 277 -6.84 28.08 11.79
CA ARG A 277 -7.92 28.29 10.81
C ARG A 277 -7.29 28.88 9.55
N ALA A 278 -7.69 28.43 8.36
CA ALA A 278 -7.24 29.01 7.09
C ALA A 278 -8.33 28.89 6.04
N ARG A 279 -8.14 29.60 4.94
CA ARG A 279 -9.08 29.55 3.81
C ARG A 279 -8.85 28.27 3.02
N ARG A 280 -7.57 27.94 2.75
CA ARG A 280 -7.22 26.76 1.94
C ARG A 280 -6.00 26.10 2.56
N ALA A 281 -5.81 24.84 2.21
CA ALA A 281 -4.65 24.06 2.70
C ALA A 281 -3.91 23.44 1.54
N ILE A 282 -2.60 23.31 1.71
CA ILE A 282 -1.71 22.54 0.80
C ILE A 282 -1.06 21.47 1.65
N VAL A 283 -1.36 20.20 1.39
CA VAL A 283 -0.73 19.07 2.10
C VAL A 283 0.42 18.59 1.25
N ALA A 284 1.65 18.69 1.77
CA ALA A 284 2.88 18.48 0.98
C ALA A 284 3.74 17.40 1.66
N VAL A 285 3.13 16.29 2.10
CA VAL A 285 3.85 15.18 2.82
C VAL A 285 3.81 13.94 1.93
N PRO A 286 4.62 12.91 2.22
CA PRO A 286 4.55 11.65 1.50
C PRO A 286 3.16 11.02 1.54
N PRO A 287 2.74 10.37 0.44
CA PRO A 287 1.37 9.85 0.33
C PRO A 287 0.90 9.02 1.53
N THR A 288 1.73 8.08 2.02
CA THR A 288 1.30 7.21 3.16
C THR A 288 1.05 8.10 4.39
N LEU A 289 1.81 9.19 4.61
CA LEU A 289 1.57 10.11 5.75
C LEU A 289 0.35 11.01 5.50
N ALA A 290 0.08 11.39 4.27
CA ALA A 290 -1.11 12.22 3.93
C ALA A 290 -2.38 11.44 4.30
N GLY A 291 -2.36 10.12 4.10
CA GLY A 291 -3.50 9.21 4.41
C GLY A 291 -3.76 9.07 5.90
N ARG A 292 -2.77 9.33 6.75
CA ARG A 292 -2.88 9.09 8.20
C ARG A 292 -3.48 10.30 8.91
N ILE A 293 -3.53 11.46 8.24
CA ILE A 293 -4.16 12.67 8.82
C ILE A 293 -5.66 12.41 8.96
N ASP A 294 -6.23 12.87 10.08
CA ASP A 294 -7.66 12.73 10.36
C ASP A 294 -8.38 13.78 9.48
N HIS A 295 -8.88 13.37 8.33
CA HIS A 295 -9.59 14.26 7.38
C HIS A 295 -11.07 14.32 7.73
N ASP A 296 -11.62 15.52 7.76
CA ASP A 296 -13.07 15.71 7.96
C ASP A 296 -13.57 16.70 6.92
N PRO A 297 -14.47 16.32 6.00
CA PRO A 297 -14.96 14.95 5.89
C PRO A 297 -13.85 13.97 5.48
N PRO A 298 -14.07 12.65 5.65
CA PRO A 298 -13.10 11.67 5.19
C PRO A 298 -12.75 11.87 3.71
N LEU A 299 -11.54 11.53 3.31
CA LEU A 299 -11.19 11.64 1.87
C LEU A 299 -12.11 10.74 1.04
N PRO A 300 -12.41 11.13 -0.20
CA PRO A 300 -13.19 10.27 -1.11
C PRO A 300 -12.47 8.93 -1.27
N PRO A 301 -13.21 7.83 -1.50
CA PRO A 301 -12.63 6.50 -1.39
C PRO A 301 -11.55 6.25 -2.45
N GLN A 302 -11.68 6.82 -3.66
CA GLN A 302 -10.63 6.61 -4.68
C GLN A 302 -9.30 7.18 -4.16
N ARG A 303 -9.33 8.35 -3.51
CA ARG A 303 -8.07 8.99 -2.99
C ARG A 303 -7.55 8.19 -1.80
N ASP A 304 -8.39 7.81 -0.83
CA ASP A 304 -7.90 6.98 0.29
C ASP A 304 -7.23 5.70 -0.24
N GLN A 305 -7.85 5.00 -1.18
CA GLN A 305 -7.29 3.72 -1.68
C GLN A 305 -6.07 4.00 -2.57
N LEU A 306 -6.02 5.14 -3.25
CA LEU A 306 -4.76 5.49 -3.96
C LEU A 306 -3.62 5.50 -2.94
N LEU A 307 -3.79 6.14 -1.80
CA LEU A 307 -2.62 6.28 -0.85
C LEU A 307 -2.26 4.90 -0.28
N GLN A 308 -3.24 4.00 -0.10
CA GLN A 308 -3.03 2.60 0.29
C GLN A 308 -2.16 1.89 -0.79
N HIS A 309 -2.18 2.37 -2.04
CA HIS A 309 -1.49 1.77 -3.22
C HIS A 309 -0.27 2.60 -3.63
N MET A 310 0.26 3.48 -2.75
CA MET A 310 1.48 4.26 -3.06
C MET A 310 2.51 4.03 -1.95
N PRO A 311 2.97 2.78 -1.76
CA PRO A 311 3.97 2.51 -0.73
C PRO A 311 5.29 3.25 -0.99
N GLN A 312 5.96 3.73 0.06
CA GLN A 312 7.32 4.29 -0.10
C GLN A 312 8.33 3.16 -0.34
N GLY A 313 9.40 3.50 -1.06
CA GLY A 313 10.59 2.64 -1.23
C GLY A 313 11.29 2.29 0.08
N SER A 314 12.29 1.44 0.02
CA SER A 314 13.08 0.96 1.16
C SER A 314 14.55 1.25 0.87
N VAL A 315 15.19 2.13 1.65
CA VAL A 315 16.63 2.46 1.41
C VAL A 315 17.28 2.83 2.75
N VAL A 316 18.43 2.24 2.97
CA VAL A 316 19.39 2.70 4.00
C VAL A 316 20.53 3.35 3.26
N LYS A 317 20.78 4.62 3.55
CA LYS A 317 21.89 5.35 2.91
C LYS A 317 23.03 5.47 3.92
N PHE A 318 24.24 5.23 3.46
CA PHE A 318 25.42 5.29 4.34
C PHE A 318 26.54 6.12 3.72
N HIS A 319 27.42 6.56 4.62
CA HIS A 319 28.69 7.27 4.31
C HIS A 319 29.77 6.62 5.18
N VAL A 320 30.74 5.99 4.54
CA VAL A 320 31.89 5.38 5.27
C VAL A 320 33.00 6.41 5.26
N ILE A 321 33.53 6.78 6.42
CA ILE A 321 34.49 7.91 6.56
C ILE A 321 35.90 7.37 6.79
N TYR A 322 36.85 7.89 6.02
CA TYR A 322 38.28 7.58 6.13
C TYR A 322 39.05 8.90 6.27
N ASP A 323 40.27 8.85 6.80
CA ASP A 323 41.07 10.09 6.95
C ASP A 323 41.35 10.69 5.57
N GLU A 324 41.49 9.86 4.52
CA GLU A 324 41.82 10.30 3.14
C GLU A 324 41.09 9.40 2.15
N PRO A 325 40.80 9.88 0.94
CA PRO A 325 40.23 9.05 -0.15
C PRO A 325 41.37 8.22 -0.76
N TRP A 326 41.83 7.24 0.03
CA TRP A 326 43.02 6.38 -0.24
C TRP A 326 42.86 5.63 -1.55
N TRP A 327 41.64 5.35 -2.00
CA TRP A 327 41.40 4.63 -3.28
C TRP A 327 41.95 5.45 -4.46
N ARG A 328 41.94 6.78 -4.38
CA ARG A 328 42.27 7.65 -5.55
C ARG A 328 43.74 7.42 -5.90
N ALA A 329 44.61 7.17 -4.92
CA ALA A 329 46.06 6.96 -5.14
C ALA A 329 46.30 5.61 -5.80
N GLU A 330 45.32 4.70 -5.78
CA GLU A 330 45.40 3.38 -6.43
C GLU A 330 44.77 3.47 -7.82
N GLY A 331 44.31 4.68 -8.21
CA GLY A 331 43.66 4.93 -9.51
C GLY A 331 42.25 4.38 -9.57
N LEU A 332 41.55 4.28 -8.43
CA LEU A 332 40.15 3.82 -8.31
C LEU A 332 39.22 5.02 -8.11
N SER A 333 38.05 4.97 -8.73
CA SER A 333 36.97 5.99 -8.62
C SER A 333 36.33 5.95 -7.23
N GLY A 334 36.28 4.79 -6.58
CA GLY A 334 35.50 4.58 -5.34
C GLY A 334 34.12 4.02 -5.64
N THR A 335 33.83 3.80 -6.91
CA THR A 335 32.55 3.19 -7.36
C THR A 335 32.73 1.68 -7.48
N VAL A 336 31.90 0.92 -6.79
CA VAL A 336 31.85 -0.57 -6.92
C VAL A 336 30.46 -0.94 -7.41
N LEU A 337 30.39 -1.94 -8.28
CA LEU A 337 29.11 -2.50 -8.80
C LEU A 337 29.14 -3.99 -8.46
N CYS A 338 28.24 -4.45 -7.60
CA CYS A 338 28.27 -5.82 -7.07
CA CYS A 338 28.29 -5.82 -7.07
C CYS A 338 26.86 -6.38 -7.02
N PRO A 339 26.33 -6.87 -8.16
CA PRO A 339 24.93 -7.30 -8.22
C PRO A 339 24.52 -8.40 -7.21
N ASP A 340 25.45 -9.18 -6.69
CA ASP A 340 25.17 -10.33 -5.80
C ASP A 340 25.40 -9.94 -4.33
N GLU A 341 25.82 -8.70 -4.04
CA GLU A 341 26.07 -8.26 -2.64
C GLU A 341 24.86 -7.50 -2.13
N PRO A 342 24.72 -7.26 -0.81
CA PRO A 342 23.59 -6.51 -0.26
C PRO A 342 23.61 -5.02 -0.62
N ILE A 343 24.77 -4.48 -0.98
CA ILE A 343 24.80 -3.04 -1.33
C ILE A 343 24.83 -2.89 -2.85
N GLY A 344 24.23 -1.80 -3.30
CA GLY A 344 24.26 -1.42 -4.72
C GLY A 344 25.50 -0.61 -5.00
N VAL A 345 25.36 0.33 -5.91
CA VAL A 345 26.51 1.03 -6.48
C VAL A 345 27.04 1.95 -5.38
N THR A 346 28.35 2.10 -5.26
CA THR A 346 28.92 3.12 -4.38
C THR A 346 29.46 4.29 -5.18
N PHE A 347 29.72 5.38 -4.47
CA PHE A 347 30.20 6.64 -5.05
C PHE A 347 31.26 7.23 -4.11
N ASP A 348 32.27 7.88 -4.69
CA ASP A 348 33.21 8.72 -3.93
C ASP A 348 32.45 9.97 -3.45
N GLY A 349 32.26 10.10 -2.14
CA GLY A 349 31.49 11.17 -1.49
C GLY A 349 32.36 12.24 -0.86
N THR A 350 33.64 12.29 -1.23
CA THR A 350 34.66 13.18 -0.63
C THR A 350 34.33 14.61 -1.01
N PRO A 351 34.37 15.62 -0.08
CA PRO A 351 34.09 17.01 -0.42
C PRO A 351 35.23 17.65 -1.19
N PRO A 352 35.07 18.88 -1.70
CA PRO A 352 36.14 19.55 -2.47
C PRO A 352 37.49 19.69 -1.75
N ALA A 353 37.46 19.74 -0.42
CA ALA A 353 38.68 19.88 0.42
C ALA A 353 39.58 18.65 0.20
N GLY A 354 39.03 17.52 -0.26
CA GLY A 354 39.78 16.28 -0.56
C GLY A 354 40.02 15.45 0.70
N THR A 355 39.50 15.87 1.86
CA THR A 355 39.40 15.04 3.07
C THR A 355 38.17 15.52 3.83
N PRO A 356 37.57 14.68 4.69
CA PRO A 356 37.94 13.27 4.82
C PRO A 356 37.50 12.44 3.59
N GLY A 357 38.12 11.27 3.36
CA GLY A 357 37.66 10.36 2.29
C GLY A 357 36.28 9.83 2.63
N ILE A 358 35.31 9.81 1.71
CA ILE A 358 33.98 9.20 1.96
C ILE A 358 33.62 8.26 0.82
N VAL A 359 33.10 7.09 1.19
CA VAL A 359 32.39 6.20 0.24
C VAL A 359 30.93 6.24 0.62
N THR A 360 30.11 6.63 -0.37
CA THR A 360 28.67 6.77 -0.21
C THR A 360 28.04 5.57 -0.87
N GLY A 361 27.05 4.98 -0.21
CA GLY A 361 26.19 4.01 -0.91
C GLY A 361 24.91 3.66 -0.19
N PHE A 362 24.26 2.60 -0.65
CA PHE A 362 22.84 2.31 -0.34
C PHE A 362 22.63 0.81 -0.18
N PHE A 363 21.84 0.44 0.82
CA PHE A 363 21.03 -0.82 0.79
C PHE A 363 19.68 -0.47 0.17
N GLU A 364 19.22 -1.22 -0.80
CA GLU A 364 17.98 -0.92 -1.55
C GLU A 364 16.99 -2.09 -1.44
N GLY A 365 15.69 -1.78 -1.43
CA GLY A 365 14.65 -2.82 -1.55
C GLY A 365 14.78 -3.86 -0.45
N PRO A 366 14.70 -5.17 -0.78
CA PRO A 366 14.76 -6.23 0.23
C PRO A 366 15.99 -6.14 1.15
N ALA A 367 17.15 -5.78 0.58
CA ALA A 367 18.40 -5.63 1.35
C ALA A 367 18.25 -4.53 2.40
N ALA A 368 17.54 -3.43 2.09
CA ALA A 368 17.31 -2.28 3.00
C ALA A 368 16.46 -2.79 4.16
N VAL A 369 15.44 -3.58 3.85
CA VAL A 369 14.53 -4.08 4.92
C VAL A 369 15.29 -5.05 5.86
N ALA A 370 16.16 -5.91 5.32
CA ALA A 370 16.96 -6.85 6.13
C ALA A 370 17.93 -6.04 6.96
N ALA A 371 18.57 -5.03 6.36
CA ALA A 371 19.62 -4.22 7.04
C ALA A 371 19.00 -3.34 8.12
N GLY A 372 17.82 -2.79 7.86
CA GLY A 372 17.05 -1.97 8.82
C GLY A 372 16.70 -2.71 10.11
N ALA A 373 16.62 -4.01 10.09
CA ALA A 373 16.25 -4.81 11.28
C ALA A 373 17.52 -5.05 12.09
N ARG A 374 18.67 -4.66 11.56
CA ARG A 374 19.99 -4.91 12.20
C ARG A 374 20.48 -3.60 12.81
N THR A 375 21.56 -3.67 13.59
CA THR A 375 22.17 -2.51 14.27
C THR A 375 23.10 -1.80 13.25
N ARG A 376 23.42 -0.54 13.55
CA ARG A 376 24.41 0.26 12.78
C ARG A 376 25.70 -0.55 12.62
N GLU A 377 26.16 -1.13 13.72
CA GLU A 377 27.42 -1.92 13.76
C GLU A 377 27.35 -3.08 12.76
N GLU A 378 26.25 -3.80 12.72
CA GLU A 378 26.12 -4.94 11.79
C GLU A 378 26.10 -4.44 10.33
N ARG A 379 25.40 -3.33 10.06
CA ARG A 379 25.40 -2.71 8.71
C ARG A 379 26.82 -2.26 8.35
N ARG A 380 27.51 -1.56 9.26
CA ARG A 380 28.91 -1.16 9.09
C ARG A 380 29.74 -2.38 8.62
N ASP A 381 29.61 -3.49 9.34
CA ASP A 381 30.44 -4.69 9.11
C ASP A 381 30.18 -5.22 7.68
N VAL A 382 28.93 -5.24 7.24
CA VAL A 382 28.56 -5.71 5.89
C VAL A 382 29.20 -4.79 4.85
N VAL A 383 29.04 -3.48 5.02
CA VAL A 383 29.58 -2.49 4.04
C VAL A 383 31.11 -2.60 3.98
N VAL A 384 31.77 -2.53 5.14
CA VAL A 384 33.26 -2.54 5.18
C VAL A 384 33.77 -3.83 4.53
N ASP A 385 33.10 -4.97 4.75
CA ASP A 385 33.49 -6.28 4.14
C ASP A 385 33.36 -6.22 2.60
N VAL A 386 32.29 -5.64 2.04
CA VAL A 386 32.16 -5.53 0.57
C VAL A 386 33.30 -4.66 0.04
N LEU A 387 33.54 -3.50 0.68
CA LEU A 387 34.57 -2.56 0.19
C LEU A 387 35.95 -3.24 0.29
N ALA A 388 36.20 -3.98 1.36
CA ALA A 388 37.50 -4.68 1.52
C ALA A 388 37.72 -5.66 0.35
N ARG A 389 36.66 -6.29 -0.19
CA ARG A 389 36.80 -7.32 -1.28
C ARG A 389 36.80 -6.67 -2.67
N THR A 390 36.54 -5.36 -2.74
CA THR A 390 36.36 -4.63 -4.02
C THR A 390 37.44 -3.55 -4.13
N LEU A 391 37.37 -2.53 -3.30
CA LEU A 391 38.32 -1.40 -3.31
C LEU A 391 39.66 -1.81 -2.70
N GLY A 392 39.68 -2.73 -1.72
CA GLY A 392 40.91 -3.24 -1.10
C GLY A 392 40.87 -3.29 0.41
N GLU A 393 41.87 -3.97 0.98
CA GLU A 393 41.99 -4.31 2.42
C GLU A 393 42.05 -3.03 3.26
N ARG A 394 42.51 -1.90 2.72
CA ARG A 394 42.54 -0.65 3.52
C ARG A 394 41.12 -0.17 3.93
N ALA A 395 40.07 -0.60 3.27
CA ALA A 395 38.67 -0.27 3.61
C ALA A 395 38.37 -0.64 5.07
N ARG A 396 39.13 -1.56 5.65
CA ARG A 396 38.91 -2.05 7.04
C ARG A 396 39.36 -0.98 8.04
N ASP A 397 40.23 -0.09 7.62
CA ASP A 397 40.79 0.97 8.50
C ASP A 397 39.86 2.19 8.43
N VAL A 398 38.63 2.01 8.92
CA VAL A 398 37.53 3.00 8.89
C VAL A 398 37.68 3.95 10.08
N ARG A 399 37.40 5.21 9.85
CA ARG A 399 37.30 6.25 10.90
C ARG A 399 35.90 6.26 11.47
N ASP A 400 34.86 6.15 10.62
CA ASP A 400 33.46 6.31 11.11
C ASP A 400 32.52 5.76 10.05
N TYR A 401 31.32 5.41 10.44
CA TYR A 401 30.27 4.89 9.53
C TYR A 401 28.98 5.60 9.97
N ILE A 402 28.33 6.34 9.07
CA ILE A 402 27.13 7.15 9.36
C ILE A 402 26.04 6.69 8.41
N ASP A 403 24.89 6.32 8.95
CA ASP A 403 23.81 5.88 8.05
C ASP A 403 22.44 6.32 8.56
N ARG A 404 21.45 6.13 7.70
CA ARG A 404 20.06 6.48 8.05
C ARG A 404 19.13 5.52 7.32
N ASP A 405 18.26 4.88 8.08
CA ASP A 405 17.20 4.00 7.55
C ASP A 405 15.97 4.89 7.37
N TRP A 406 15.68 5.32 6.14
CA TRP A 406 14.56 6.28 5.90
C TRP A 406 13.20 5.63 6.18
N SER A 407 13.11 4.31 6.19
CA SER A 407 11.86 3.60 6.52
C SER A 407 11.58 3.76 8.02
N ALA A 408 12.61 4.02 8.85
CA ALA A 408 12.46 4.15 10.33
C ALA A 408 12.11 5.59 10.73
N GLU A 409 12.15 6.54 9.78
CA GLU A 409 11.81 7.95 10.04
C GLU A 409 10.30 8.08 10.10
N PRO A 410 9.67 8.36 11.27
CA PRO A 410 8.22 8.41 11.32
C PRO A 410 7.59 9.47 10.39
N TRP A 411 8.34 10.52 10.04
CA TRP A 411 7.82 11.63 9.19
C TRP A 411 8.28 11.49 7.72
N THR A 412 8.78 10.32 7.35
CA THR A 412 9.00 9.94 5.94
C THR A 412 8.47 8.53 5.65
N ARG A 413 8.92 7.51 6.38
CA ARG A 413 8.44 6.11 6.25
C ARG A 413 8.81 5.54 4.87
N GLY A 414 9.96 5.98 4.36
CA GLY A 414 10.67 5.33 3.25
C GLY A 414 11.17 6.35 2.23
N CYS A 415 12.36 6.12 1.73
CA CYS A 415 12.92 6.83 0.57
C CYS A 415 13.07 5.86 -0.60
N TYR A 416 13.27 6.38 -1.82
CA TYR A 416 13.30 7.82 -2.12
C TYR A 416 11.91 8.44 -2.15
N GLY A 417 10.93 7.66 -2.63
CA GLY A 417 9.54 8.10 -2.70
C GLY A 417 8.62 6.92 -2.93
N ALA A 418 7.39 7.20 -3.31
CA ALA A 418 6.37 6.14 -3.47
C ALA A 418 6.59 5.45 -4.83
N HIS A 419 6.18 4.19 -4.90
CA HIS A 419 5.97 3.48 -6.18
C HIS A 419 4.57 2.89 -6.21
N LEU A 420 4.13 2.51 -7.39
CA LEU A 420 2.77 2.00 -7.61
C LEU A 420 2.87 0.61 -8.19
N PRO A 421 2.26 -0.37 -7.50
CA PRO A 421 2.25 -1.75 -7.98
C PRO A 421 1.26 -1.89 -9.11
N PRO A 422 1.23 -3.08 -9.76
CA PRO A 422 0.24 -3.32 -10.81
C PRO A 422 -1.20 -3.01 -10.39
N GLY A 423 -1.89 -2.31 -11.29
CA GLY A 423 -3.32 -2.02 -11.21
C GLY A 423 -3.63 -0.71 -10.48
N ALA A 424 -2.64 0.01 -9.96
CA ALA A 424 -2.87 1.21 -9.12
C ALA A 424 -2.99 2.47 -9.98
N TRP A 425 -2.11 2.69 -10.98
CA TRP A 425 -2.13 3.95 -11.75
C TRP A 425 -3.46 4.11 -12.48
N THR A 426 -4.00 3.05 -13.12
CA THR A 426 -5.23 3.18 -13.94
C THR A 426 -6.48 3.28 -13.07
N VAL A 427 -6.57 2.58 -11.95
CA VAL A 427 -7.83 2.54 -11.18
C VAL A 427 -7.88 3.67 -10.14
N TYR A 428 -6.77 3.95 -9.46
CA TYR A 428 -6.72 4.88 -8.30
C TYR A 428 -5.95 6.15 -8.65
N GLY A 429 -5.00 6.06 -9.58
CA GLY A 429 -4.11 7.16 -9.98
C GLY A 429 -4.79 8.48 -10.27
N PRO A 430 -5.95 8.49 -10.97
CA PRO A 430 -6.60 9.77 -11.33
C PRO A 430 -6.88 10.72 -10.17
N ALA A 431 -6.89 10.22 -8.94
CA ALA A 431 -7.14 11.04 -7.72
C ALA A 431 -5.84 11.70 -7.22
N LEU A 432 -4.71 11.51 -7.88
CA LEU A 432 -3.37 11.90 -7.37
C LEU A 432 -3.30 13.38 -7.00
N ARG A 433 -3.74 14.27 -7.89
CA ARG A 433 -3.48 15.72 -7.75
C ARG A 433 -4.76 16.50 -7.50
N VAL A 434 -5.92 15.90 -7.76
CA VAL A 434 -7.23 16.61 -7.77
C VAL A 434 -7.49 17.18 -6.38
N PRO A 435 -7.75 18.50 -6.23
CA PRO A 435 -8.05 19.04 -4.91
C PRO A 435 -9.33 18.39 -4.36
N VAL A 436 -9.39 18.22 -3.06
CA VAL A 436 -10.60 17.77 -2.35
C VAL A 436 -11.15 19.00 -1.63
N GLY A 437 -12.09 19.69 -2.26
CA GLY A 437 -12.64 20.93 -1.70
C GLY A 437 -11.55 21.98 -1.55
N ARG A 438 -11.23 22.36 -0.32
CA ARG A 438 -10.24 23.45 -0.06
C ARG A 438 -8.85 22.87 0.27
N VAL A 439 -8.67 21.57 0.10
CA VAL A 439 -7.39 20.85 0.37
C VAL A 439 -6.71 20.49 -0.95
N HIS A 440 -5.54 21.06 -1.17
CA HIS A 440 -4.73 20.84 -2.39
C HIS A 440 -3.51 20.00 -2.00
N TRP A 441 -2.88 19.40 -2.99
CA TRP A 441 -1.84 18.35 -2.81
C TRP A 441 -0.55 18.79 -3.50
N ALA A 442 0.56 18.70 -2.77
CA ALA A 442 1.90 18.85 -3.33
C ALA A 442 2.79 17.72 -2.81
N GLY A 443 4.03 17.74 -3.25
CA GLY A 443 5.02 16.70 -2.97
C GLY A 443 5.54 16.14 -4.26
N THR A 444 6.74 15.63 -4.22
CA THR A 444 7.46 15.13 -5.43
C THR A 444 6.62 14.08 -6.17
N GLU A 445 5.84 13.30 -5.42
CA GLU A 445 4.99 12.24 -5.99
C GLU A 445 3.88 12.83 -6.86
N THR A 446 3.61 14.14 -6.81
CA THR A 446 2.58 14.78 -7.69
C THR A 446 3.20 15.55 -8.86
N ALA A 447 4.50 15.51 -9.03
CA ALA A 447 5.24 16.22 -10.11
C ALA A 447 5.05 15.47 -11.43
N GLU A 448 4.98 16.25 -12.52
CA GLU A 448 5.00 15.74 -13.91
C GLU A 448 6.45 15.45 -14.30
N ARG A 449 7.40 16.35 -14.01
CA ARG A 449 8.81 16.22 -14.40
C ARG A 449 9.69 15.99 -13.16
N TRP A 450 10.64 15.05 -13.25
CA TRP A 450 11.56 14.67 -12.17
C TRP A 450 10.75 14.31 -10.90
N THR A 451 9.65 13.57 -11.08
CA THR A 451 8.92 12.94 -9.95
C THR A 451 9.92 12.02 -9.22
N GLY A 452 9.89 12.09 -7.89
CA GLY A 452 10.81 11.35 -7.00
C GLY A 452 12.04 12.14 -6.60
N TYR A 453 12.26 13.32 -7.19
CA TYR A 453 13.49 14.12 -6.98
C TYR A 453 13.14 15.46 -6.35
N ILE A 454 14.17 16.13 -5.86
CA ILE A 454 14.05 17.52 -5.30
C ILE A 454 13.39 18.42 -6.36
N ASP A 455 13.81 18.32 -7.61
CA ASP A 455 13.35 19.17 -8.71
C ASP A 455 11.83 19.00 -8.85
N GLY A 456 11.34 17.77 -8.81
CA GLY A 456 9.88 17.46 -8.81
C GLY A 456 9.18 18.04 -7.58
N ALA A 457 9.77 17.95 -6.40
CA ALA A 457 9.14 18.53 -5.18
C ALA A 457 8.88 20.03 -5.43
N ILE A 458 9.85 20.74 -5.99
CA ILE A 458 9.74 22.20 -6.25
C ILE A 458 8.64 22.47 -7.28
N GLU A 459 8.61 21.70 -8.36
CA GLU A 459 7.51 21.79 -9.36
C GLU A 459 6.16 21.71 -8.63
N SER A 460 5.98 20.68 -7.80
CA SER A 460 4.68 20.39 -7.15
C SER A 460 4.26 21.56 -6.26
N GLY A 461 5.19 22.20 -5.56
CA GLY A 461 4.86 23.37 -4.72
C GLY A 461 4.43 24.55 -5.57
N GLN A 462 5.10 24.77 -6.71
CA GLN A 462 4.73 25.90 -7.61
C GLN A 462 3.30 25.65 -8.09
N ARG A 463 3.02 24.42 -8.48
CA ARG A 463 1.70 24.05 -9.06
C ARG A 463 0.61 24.27 -8.00
N ALA A 464 0.77 23.70 -6.79
CA ALA A 464 -0.23 23.81 -5.71
C ALA A 464 -0.45 25.28 -5.32
N ALA A 465 0.62 26.08 -5.22
CA ALA A 465 0.51 27.53 -4.94
C ALA A 465 -0.35 28.20 -6.01
N ALA A 466 -0.07 27.96 -7.30
CA ALA A 466 -0.81 28.61 -8.43
C ALA A 466 -2.30 28.22 -8.32
N GLU A 467 -2.59 26.98 -7.96
CA GLU A 467 -4.00 26.52 -7.80
C GLU A 467 -4.70 27.27 -6.68
N VAL A 468 -4.05 27.38 -5.53
CA VAL A 468 -4.64 28.00 -4.34
C VAL A 468 -4.79 29.50 -4.61
N LEU A 469 -3.81 30.11 -5.25
CA LEU A 469 -3.86 31.58 -5.49
C LEU A 469 -5.01 31.92 -6.43
N ALA A 470 -5.28 31.09 -7.43
CA ALA A 470 -6.42 31.28 -8.36
C ALA A 470 -7.73 31.07 -7.59
N ALA A 471 -7.80 30.05 -6.75
CA ALA A 471 -8.99 29.74 -5.91
C ALA A 471 -9.32 30.86 -4.94
N LEU A 472 -8.32 31.48 -4.29
CA LEU A 472 -8.60 32.57 -3.31
C LEU A 472 -9.16 33.80 -4.06
N GLY A 473 -8.76 34.05 -5.33
CA GLY A 473 -9.01 35.27 -6.14
C GLY A 473 -10.34 35.27 -6.90
N SER B 24 -7.46 8.96 35.26
CA SER B 24 -7.85 8.19 34.02
C SER B 24 -7.89 6.69 34.34
N GLU B 25 -8.78 5.93 33.70
CA GLU B 25 -9.06 4.50 34.00
C GLU B 25 -7.85 3.61 33.71
N GLN B 26 -7.68 2.56 34.51
CA GLN B 26 -6.57 1.57 34.46
C GLN B 26 -7.18 0.17 34.29
N VAL B 27 -6.71 -0.66 33.35
CA VAL B 27 -7.24 -2.03 33.15
C VAL B 27 -6.09 -2.92 32.72
N ASP B 28 -6.28 -4.23 32.77
CA ASP B 28 -5.27 -5.22 32.30
C ASP B 28 -5.08 -5.09 30.78
N VAL B 29 -6.16 -5.10 30.01
CA VAL B 29 -6.08 -5.24 28.52
C VAL B 29 -7.04 -4.24 27.88
N VAL B 30 -6.54 -3.46 26.93
CA VAL B 30 -7.40 -2.64 26.04
C VAL B 30 -7.37 -3.28 24.66
N VAL B 31 -8.57 -3.46 24.12
CA VAL B 31 -8.81 -4.00 22.76
C VAL B 31 -9.30 -2.84 21.89
N VAL B 32 -8.61 -2.60 20.81
CA VAL B 32 -9.00 -1.55 19.83
C VAL B 32 -9.79 -2.26 18.72
N GLY B 33 -11.09 -1.98 18.68
CA GLY B 33 -12.01 -2.48 17.63
C GLY B 33 -12.94 -3.57 18.15
N ALA B 34 -14.22 -3.46 17.79
CA ALA B 34 -15.26 -4.41 18.20
C ALA B 34 -15.88 -5.08 16.97
N GLY B 35 -15.01 -5.53 16.04
CA GLY B 35 -15.32 -6.56 15.06
C GLY B 35 -15.31 -7.93 15.74
N PHE B 36 -15.50 -9.00 14.96
CA PHE B 36 -15.47 -10.37 15.53
C PHE B 36 -14.10 -10.63 16.15
N ALA B 37 -13.00 -10.10 15.58
CA ALA B 37 -11.66 -10.35 16.16
C ALA B 37 -11.55 -9.67 17.55
N GLY B 38 -11.85 -8.38 17.68
CA GLY B 38 -11.68 -7.66 18.94
C GLY B 38 -12.63 -8.19 20.00
N LEU B 39 -13.87 -8.51 19.63
CA LEU B 39 -14.88 -9.03 20.60
C LEU B 39 -14.52 -10.44 21.06
N THR B 40 -13.98 -11.29 20.19
CA THR B 40 -13.52 -12.65 20.52
C THR B 40 -12.40 -12.54 21.55
N ALA B 41 -11.44 -11.67 21.28
CA ALA B 41 -10.30 -11.44 22.18
C ALA B 41 -10.79 -10.94 23.53
N ALA B 42 -11.58 -9.89 23.56
CA ALA B 42 -12.10 -9.25 24.79
C ALA B 42 -12.85 -10.27 25.63
N ARG B 43 -13.67 -11.12 25.01
CA ARG B 43 -14.44 -12.12 25.80
C ARG B 43 -13.48 -13.16 26.41
N ALA B 44 -12.46 -13.59 25.69
CA ALA B 44 -11.50 -14.61 26.18
C ALA B 44 -10.72 -14.03 27.37
N VAL B 45 -10.32 -12.76 27.30
CA VAL B 45 -9.55 -12.07 28.35
C VAL B 45 -10.48 -11.93 29.56
N HIS B 46 -11.72 -11.58 29.33
CA HIS B 46 -12.74 -11.43 30.42
C HIS B 46 -12.91 -12.77 31.13
N GLU B 47 -13.13 -13.84 30.38
CA GLU B 47 -13.45 -15.16 30.96
C GLU B 47 -12.22 -15.77 31.64
N ALA B 48 -11.02 -15.34 31.29
CA ALA B 48 -9.78 -15.78 31.99
C ALA B 48 -9.62 -15.00 33.29
N GLY B 49 -10.45 -13.98 33.56
CA GLY B 49 -10.46 -13.21 34.83
C GLY B 49 -9.66 -11.92 34.82
N ARG B 50 -9.25 -11.40 33.66
CA ARG B 50 -8.58 -10.07 33.56
C ARG B 50 -9.59 -8.97 33.23
N SER B 51 -9.30 -7.74 33.66
CA SER B 51 -10.09 -6.53 33.37
C SER B 51 -9.81 -6.15 31.90
N VAL B 52 -10.85 -5.76 31.14
CA VAL B 52 -10.70 -5.49 29.68
C VAL B 52 -11.59 -4.30 29.33
N LEU B 53 -11.10 -3.37 28.50
CA LEU B 53 -11.94 -2.35 27.81
C LEU B 53 -11.84 -2.57 26.30
N VAL B 54 -12.94 -2.36 25.60
CA VAL B 54 -13.04 -2.44 24.13
C VAL B 54 -13.38 -1.06 23.63
N LEU B 55 -12.48 -0.44 22.86
CA LEU B 55 -12.73 0.92 22.33
C LEU B 55 -13.09 0.76 20.87
N GLU B 56 -14.28 1.20 20.48
CA GLU B 56 -14.81 1.01 19.12
C GLU B 56 -15.11 2.37 18.52
N ALA B 57 -14.61 2.64 17.31
CA ALA B 57 -14.81 3.96 16.65
C ALA B 57 -16.30 4.21 16.30
N ARG B 58 -17.01 3.21 15.81
CA ARG B 58 -18.39 3.37 15.32
C ARG B 58 -19.39 3.35 16.49
N ASP B 59 -20.63 3.76 16.22
CA ASP B 59 -21.74 3.69 17.22
C ASP B 59 -22.34 2.28 17.28
N ARG B 60 -21.61 1.26 16.80
CA ARG B 60 -22.07 -0.14 16.77
C ARG B 60 -20.88 -1.06 16.84
N VAL B 61 -21.15 -2.32 17.12
CA VAL B 61 -20.19 -3.43 16.94
C VAL B 61 -20.41 -4.07 15.58
N GLY B 62 -19.48 -4.93 15.18
CA GLY B 62 -19.60 -5.82 14.04
C GLY B 62 -18.56 -5.51 12.96
N GLY B 63 -18.14 -4.26 12.85
CA GLY B 63 -17.13 -3.84 11.84
C GLY B 63 -17.54 -4.09 10.39
N ARG B 64 -16.83 -4.99 9.73
CA ARG B 64 -17.06 -5.40 8.34
C ARG B 64 -18.29 -6.32 8.23
N THR B 65 -18.95 -6.62 9.35
CA THR B 65 -20.33 -7.18 9.36
C THR B 65 -21.27 -6.07 9.84
N CYS B 66 -22.37 -5.90 9.15
CA CYS B 66 -23.30 -4.78 9.37
C CYS B 66 -24.67 -5.19 8.83
N THR B 67 -25.70 -5.06 9.68
CA THR B 67 -27.07 -5.51 9.39
C THR B 67 -28.02 -4.37 9.71
N GLU B 68 -28.85 -4.02 8.72
CA GLU B 68 -29.91 -3.01 8.87
C GLU B 68 -31.25 -3.70 8.60
N GLU B 69 -32.30 -3.25 9.27
CA GLU B 69 -33.67 -3.78 9.04
C GLU B 69 -34.33 -2.93 7.95
N HIS B 70 -34.74 -3.55 6.84
CA HIS B 70 -35.48 -2.90 5.73
C HIS B 70 -36.55 -3.87 5.21
N HIS B 71 -37.74 -3.36 4.80
CA HIS B 71 -38.80 -4.18 4.16
C HIS B 71 -39.16 -5.37 5.04
N GLY B 72 -39.07 -5.22 6.37
CA GLY B 72 -39.44 -6.25 7.36
C GLY B 72 -38.49 -7.45 7.40
N THR B 73 -37.24 -7.32 6.94
CA THR B 73 -36.23 -8.40 6.97
C THR B 73 -34.84 -7.81 7.23
N TRP B 74 -33.85 -8.68 7.34
CA TRP B 74 -32.44 -8.25 7.60
C TRP B 74 -31.73 -8.01 6.27
N ILE B 75 -30.95 -6.95 6.21
CA ILE B 75 -30.06 -6.63 5.07
C ILE B 75 -28.61 -6.70 5.56
N ASP B 76 -27.87 -7.71 5.15
CA ASP B 76 -26.44 -7.80 5.54
C ASP B 76 -25.64 -6.99 4.51
N LEU B 77 -25.24 -5.78 4.90
CA LEU B 77 -24.39 -4.90 4.07
C LEU B 77 -22.92 -5.34 4.04
N GLY B 78 -22.49 -6.05 5.08
CA GLY B 78 -21.17 -6.64 5.19
C GLY B 78 -21.19 -8.14 5.06
N GLY B 79 -20.25 -8.81 5.74
CA GLY B 79 -20.15 -10.27 5.76
C GLY B 79 -21.47 -10.95 6.07
N GLN B 80 -21.81 -11.98 5.31
CA GLN B 80 -23.14 -12.66 5.44
C GLN B 80 -23.06 -14.19 5.46
N TRP B 81 -22.12 -14.83 4.74
CA TRP B 81 -22.12 -16.30 4.52
C TRP B 81 -21.18 -17.01 5.51
N ILE B 82 -21.53 -18.24 5.89
CA ILE B 82 -20.59 -19.18 6.53
C ILE B 82 -20.75 -20.51 5.82
N GLY B 83 -19.72 -21.33 5.85
CA GLY B 83 -19.77 -22.62 5.16
C GLY B 83 -19.05 -23.71 5.93
N PRO B 84 -19.09 -24.95 5.40
CA PRO B 84 -18.36 -26.07 5.99
C PRO B 84 -16.85 -25.84 6.06
N GLY B 85 -16.26 -26.26 7.17
CA GLY B 85 -14.81 -26.06 7.42
C GLY B 85 -14.58 -24.79 8.22
N GLN B 86 -15.57 -23.89 8.30
CA GLN B 86 -15.52 -22.69 9.20
C GLN B 86 -16.08 -23.08 10.59
N ASP B 87 -15.28 -23.76 11.41
CA ASP B 87 -15.78 -24.41 12.64
C ASP B 87 -15.94 -23.39 13.75
N ARG B 88 -15.17 -22.29 13.74
CA ARG B 88 -15.21 -21.30 14.85
C ARG B 88 -16.50 -20.48 14.77
N VAL B 89 -16.83 -19.98 13.59
CA VAL B 89 -18.07 -19.15 13.49
C VAL B 89 -19.29 -20.07 13.67
N ALA B 90 -19.23 -21.30 13.17
CA ALA B 90 -20.36 -22.24 13.31
C ALA B 90 -20.56 -22.51 14.82
N ALA B 91 -19.47 -22.75 15.58
CA ALA B 91 -19.53 -22.97 17.05
C ALA B 91 -20.07 -21.72 17.76
N LEU B 92 -19.66 -20.51 17.38
CA LEU B 92 -20.14 -19.26 18.03
C LEU B 92 -21.64 -19.08 17.78
N ALA B 93 -22.08 -19.29 16.55
CA ALA B 93 -23.52 -19.08 16.22
C ALA B 93 -24.36 -20.05 17.08
N ALA B 94 -23.95 -21.32 17.14
CA ALA B 94 -24.61 -22.37 17.95
C ALA B 94 -24.61 -21.97 19.42
N GLU B 95 -23.47 -21.52 19.93
CA GLU B 95 -23.32 -21.09 21.33
C GLU B 95 -24.29 -19.95 21.62
N LEU B 96 -24.43 -18.96 20.75
CA LEU B 96 -25.16 -17.74 21.08
C LEU B 96 -26.58 -17.79 20.52
N GLY B 97 -27.00 -18.96 20.03
CA GLY B 97 -28.40 -19.28 19.65
C GLY B 97 -28.84 -18.61 18.35
N VAL B 98 -27.92 -18.39 17.40
CA VAL B 98 -28.25 -17.84 16.05
C VAL B 98 -28.37 -19.01 15.08
N GLU B 99 -29.55 -19.18 14.49
CA GLU B 99 -29.85 -20.28 13.56
C GLU B 99 -29.30 -19.93 12.17
N THR B 100 -29.02 -20.94 11.34
CA THR B 100 -28.62 -20.75 9.93
C THR B 100 -29.82 -21.00 9.03
N TYR B 101 -29.78 -20.49 7.79
CA TYR B 101 -30.62 -20.95 6.67
C TYR B 101 -29.73 -21.13 5.46
N PRO B 102 -30.05 -22.11 4.58
CA PRO B 102 -29.25 -22.37 3.40
C PRO B 102 -29.42 -21.26 2.36
N GLN B 103 -28.31 -20.87 1.75
CA GLN B 103 -28.32 -20.14 0.47
C GLN B 103 -29.09 -20.98 -0.55
N PRO B 104 -30.12 -20.40 -1.21
CA PRO B 104 -30.79 -21.06 -2.32
C PRO B 104 -29.82 -21.51 -3.42
N THR B 105 -29.99 -22.73 -3.91
CA THR B 105 -29.10 -23.43 -4.86
C THR B 105 -29.81 -23.78 -6.18
N GLU B 106 -31.14 -23.87 -6.15
CA GLU B 106 -31.94 -24.51 -7.24
C GLU B 106 -32.29 -23.45 -8.29
N GLY B 107 -32.66 -23.90 -9.49
CA GLY B 107 -32.98 -23.06 -10.65
C GLY B 107 -31.77 -22.88 -11.55
N ASP B 108 -32.00 -22.39 -12.76
CA ASP B 108 -30.92 -22.17 -13.74
C ASP B 108 -30.13 -20.91 -13.40
N ASP B 109 -28.81 -21.01 -13.50
CA ASP B 109 -27.89 -19.84 -13.45
C ASP B 109 -27.84 -19.27 -14.87
N VAL B 110 -27.58 -17.96 -14.99
CA VAL B 110 -27.44 -17.30 -16.31
C VAL B 110 -25.99 -16.87 -16.48
N VAL B 111 -25.38 -17.28 -17.57
CA VAL B 111 -24.00 -16.87 -17.90
C VAL B 111 -24.05 -16.00 -19.15
N LEU B 112 -23.46 -14.81 -19.05
CA LEU B 112 -23.34 -13.89 -20.19
C LEU B 112 -21.86 -13.63 -20.44
N PHE B 113 -21.36 -14.20 -21.52
CA PHE B 113 -19.94 -14.04 -21.97
C PHE B 113 -19.78 -12.73 -22.74
N GLY B 114 -18.52 -12.34 -23.00
CA GLY B 114 -18.17 -11.12 -23.76
C GLY B 114 -18.88 -11.04 -25.11
N ASP B 115 -19.13 -12.20 -25.74
CA ASP B 115 -19.91 -12.31 -27.01
C ASP B 115 -21.19 -13.14 -26.80
N GLY B 116 -22.21 -12.88 -27.63
CA GLY B 116 -23.42 -13.70 -27.78
C GLY B 116 -24.45 -13.41 -26.71
N GLU B 117 -25.54 -14.19 -26.77
CA GLU B 117 -26.74 -14.10 -25.90
C GLU B 117 -26.42 -14.73 -24.54
N PRO B 118 -27.20 -14.39 -23.49
CA PRO B 118 -27.08 -15.06 -22.19
C PRO B 118 -27.46 -16.54 -22.32
N GLN B 119 -26.75 -17.43 -21.62
CA GLN B 119 -27.01 -18.90 -21.59
C GLN B 119 -27.60 -19.27 -20.23
N ARG B 120 -28.70 -20.01 -20.17
CA ARG B 120 -29.25 -20.59 -18.92
C ARG B 120 -28.71 -22.00 -18.75
N ALA B 121 -28.26 -22.37 -17.57
CA ALA B 121 -27.82 -23.76 -17.29
C ALA B 121 -28.05 -24.11 -15.83
N PRO B 122 -28.43 -25.38 -15.53
CA PRO B 122 -28.62 -25.85 -14.17
C PRO B 122 -27.39 -25.58 -13.29
N ASP B 123 -26.22 -25.51 -13.89
CA ASP B 123 -25.03 -25.03 -13.16
C ASP B 123 -24.18 -24.24 -14.13
N VAL B 124 -23.37 -23.36 -13.58
CA VAL B 124 -22.47 -22.47 -14.39
C VAL B 124 -21.57 -23.35 -15.27
N ALA B 125 -21.03 -24.44 -14.73
CA ALA B 125 -20.09 -25.33 -15.44
C ALA B 125 -20.69 -25.79 -16.76
N LEU B 126 -22.01 -25.92 -16.86
CA LEU B 126 -22.64 -26.41 -18.11
C LEU B 126 -22.61 -25.32 -19.18
N ALA B 127 -22.21 -24.09 -18.86
CA ALA B 127 -22.03 -22.98 -19.83
C ALA B 127 -20.72 -23.17 -20.60
N PHE B 128 -19.81 -23.96 -20.07
CA PHE B 128 -18.47 -24.20 -20.67
C PHE B 128 -18.54 -25.40 -21.64
N SER B 129 -17.69 -25.41 -22.66
CA SER B 129 -17.37 -26.62 -23.46
C SER B 129 -16.66 -27.66 -22.56
N ASP B 130 -16.63 -28.91 -23.00
CA ASP B 130 -15.80 -29.93 -22.30
C ASP B 130 -14.33 -29.49 -22.20
N GLU B 131 -13.72 -29.00 -23.27
CA GLU B 131 -12.33 -28.50 -23.27
C GLU B 131 -12.18 -27.36 -22.24
N GLU B 132 -13.16 -26.47 -22.19
CA GLU B 132 -13.13 -25.29 -21.28
C GLU B 132 -13.23 -25.76 -19.82
N LEU B 133 -14.19 -26.64 -19.51
CA LEU B 133 -14.35 -27.19 -18.14
C LEU B 133 -13.07 -27.91 -17.69
N THR B 134 -12.47 -28.73 -18.56
CA THR B 134 -11.21 -29.46 -18.25
C THR B 134 -10.09 -28.47 -17.91
N ALA B 135 -9.92 -27.48 -18.77
CA ALA B 135 -8.93 -26.40 -18.58
C ALA B 135 -9.16 -25.72 -17.21
N TYR B 136 -10.41 -25.36 -16.87
CA TYR B 136 -10.75 -24.69 -15.61
C TYR B 136 -10.36 -25.56 -14.40
N LEU B 137 -10.79 -26.81 -14.40
CA LEU B 137 -10.50 -27.76 -13.29
C LEU B 137 -8.99 -28.02 -13.22
N GLU B 138 -8.26 -28.05 -14.34
CA GLU B 138 -6.80 -28.27 -14.26
C GLU B 138 -6.12 -27.00 -13.70
N LEU B 139 -6.63 -25.83 -14.06
CA LEU B 139 -6.07 -24.55 -13.54
C LEU B 139 -6.31 -24.50 -12.02
N ALA B 140 -7.51 -24.82 -11.55
CA ALA B 140 -7.82 -24.79 -10.09
C ALA B 140 -6.93 -25.82 -9.36
N GLY B 141 -6.77 -27.01 -9.95
CA GLY B 141 -5.92 -28.07 -9.39
C GLY B 141 -4.46 -27.66 -9.31
N ALA B 142 -3.90 -27.01 -10.35
CA ALA B 142 -2.50 -26.56 -10.35
C ALA B 142 -2.32 -25.49 -9.25
N LEU B 143 -3.31 -24.61 -9.07
CA LEU B 143 -3.23 -23.57 -8.01
C LEU B 143 -3.27 -24.22 -6.62
N GLU B 144 -4.08 -25.25 -6.44
CA GLU B 144 -4.19 -25.97 -5.16
C GLU B 144 -2.87 -26.65 -4.82
N ALA B 145 -2.18 -27.17 -5.83
CA ALA B 145 -0.90 -27.87 -5.61
C ALA B 145 0.14 -26.87 -5.08
N ILE B 146 0.21 -25.67 -5.68
CA ILE B 146 1.07 -24.57 -5.17
C ILE B 146 0.60 -24.19 -3.75
N ALA B 147 -0.69 -23.94 -3.57
CA ALA B 147 -1.29 -23.49 -2.29
C ALA B 147 -0.87 -24.44 -1.15
N GLU B 148 -0.92 -25.75 -1.35
CA GLU B 148 -0.64 -26.73 -0.27
C GLU B 148 0.82 -26.56 0.23
N LYS B 149 1.73 -26.13 -0.66
CA LYS B 149 3.15 -25.95 -0.28
C LYS B 149 3.39 -24.64 0.48
N VAL B 150 2.38 -23.78 0.60
CA VAL B 150 2.54 -22.48 1.31
C VAL B 150 2.18 -22.68 2.77
N PRO B 151 3.13 -22.57 3.71
CA PRO B 151 2.80 -22.75 5.14
C PRO B 151 1.78 -21.70 5.61
N LEU B 152 0.73 -22.14 6.30
CA LEU B 152 -0.34 -21.18 6.64
C LEU B 152 0.17 -20.14 7.65
N ASP B 153 1.14 -20.50 8.49
CA ASP B 153 1.66 -19.62 9.56
C ASP B 153 2.77 -18.72 9.02
N ALA B 154 3.32 -19.04 7.86
CA ALA B 154 4.56 -18.37 7.36
C ALA B 154 4.68 -18.54 5.85
N PRO B 155 3.88 -17.81 5.05
CA PRO B 155 3.91 -17.99 3.61
C PRO B 155 5.30 -17.74 3.03
N TRP B 156 6.07 -16.89 3.70
CA TRP B 156 7.45 -16.53 3.28
C TRP B 156 8.39 -17.74 3.40
N LEU B 157 7.98 -18.84 4.06
CA LEU B 157 8.85 -20.04 4.19
C LEU B 157 8.48 -21.08 3.14
N ALA B 158 7.59 -20.77 2.20
CA ALA B 158 7.31 -21.68 1.08
C ALA B 158 8.63 -21.95 0.36
N PRO B 159 8.88 -23.18 -0.15
CA PRO B 159 10.17 -23.52 -0.76
C PRO B 159 10.51 -22.61 -1.96
N GLU B 160 9.51 -22.24 -2.74
CA GLU B 160 9.64 -21.32 -3.90
C GLU B 160 9.07 -19.93 -3.60
N ALA B 161 9.12 -19.48 -2.34
CA ALA B 161 8.48 -18.21 -1.90
C ALA B 161 8.95 -17.07 -2.78
N ALA B 162 10.26 -16.95 -2.99
CA ALA B 162 10.85 -15.81 -3.73
C ALA B 162 10.23 -15.75 -5.13
N ALA B 163 10.14 -16.87 -5.84
CA ALA B 163 9.61 -16.92 -7.22
C ALA B 163 8.11 -16.65 -7.20
N TRP B 164 7.37 -17.28 -6.29
CA TRP B 164 5.91 -17.08 -6.24
C TRP B 164 5.55 -15.66 -5.78
N ASP B 165 6.38 -15.04 -4.96
CA ASP B 165 6.11 -13.67 -4.46
C ASP B 165 6.51 -12.64 -5.54
N ALA B 166 7.31 -13.03 -6.52
CA ALA B 166 7.73 -12.13 -7.62
C ALA B 166 6.73 -12.14 -8.80
N THR B 167 5.73 -13.01 -8.78
CA THR B 167 4.80 -13.22 -9.93
C THR B 167 3.42 -12.71 -9.52
N THR B 168 2.69 -12.05 -10.41
CA THR B 168 1.24 -11.82 -10.16
C THR B 168 0.45 -13.10 -10.42
N LEU B 169 -0.74 -13.20 -9.84
CA LEU B 169 -1.64 -14.33 -10.18
C LEU B 169 -1.97 -14.25 -11.68
N ARG B 170 -2.14 -13.05 -12.25
CA ARG B 170 -2.47 -12.87 -13.67
C ARG B 170 -1.36 -13.50 -14.53
N GLU B 171 -0.11 -13.19 -14.24
CA GLU B 171 1.05 -13.70 -15.00
C GLU B 171 1.03 -15.24 -14.95
N TRP B 172 0.78 -15.79 -13.78
CA TRP B 172 0.70 -17.27 -13.58
C TRP B 172 -0.42 -17.87 -14.45
N VAL B 173 -1.60 -17.30 -14.43
CA VAL B 173 -2.77 -17.72 -15.27
C VAL B 173 -2.35 -17.69 -16.77
N ALA B 174 -1.76 -16.59 -17.23
CA ALA B 174 -1.35 -16.40 -18.63
C ALA B 174 -0.39 -17.53 -19.03
N GLY B 175 0.50 -17.96 -18.15
CA GLY B 175 1.51 -19.00 -18.41
C GLY B 175 0.87 -20.34 -18.65
N THR B 176 -0.33 -20.59 -18.14
CA THR B 176 -0.98 -21.93 -18.19
C THR B 176 -1.53 -22.21 -19.59
N GLY B 177 -1.82 -21.18 -20.38
CA GLY B 177 -2.39 -21.30 -21.74
C GLY B 177 -3.89 -21.63 -21.77
N VAL B 178 -4.66 -21.44 -20.71
CA VAL B 178 -6.13 -21.77 -20.76
C VAL B 178 -6.79 -20.92 -21.84
N PRO B 179 -7.96 -21.34 -22.37
CA PRO B 179 -8.74 -20.50 -23.29
C PRO B 179 -9.26 -19.20 -22.66
N ASP B 180 -9.67 -18.25 -23.50
CA ASP B 180 -10.14 -16.91 -23.08
C ASP B 180 -11.34 -17.00 -22.14
N ARG B 181 -12.34 -17.83 -22.43
CA ARG B 181 -13.55 -17.92 -21.58
C ARG B 181 -13.15 -18.49 -20.23
N VAL B 182 -12.11 -19.30 -20.20
CA VAL B 182 -11.68 -19.95 -18.93
C VAL B 182 -10.98 -18.88 -18.09
N ALA B 183 -10.03 -18.14 -18.66
CA ALA B 183 -9.39 -16.98 -17.97
C ALA B 183 -10.47 -16.01 -17.46
N GLY B 184 -11.48 -15.72 -18.30
CA GLY B 184 -12.58 -14.79 -18.02
C GLY B 184 -13.41 -15.21 -16.82
N LEU B 185 -13.83 -16.47 -16.77
CA LEU B 185 -14.62 -16.99 -15.62
C LEU B 185 -13.77 -17.03 -14.35
N PHE B 186 -12.55 -17.53 -14.47
CA PHE B 186 -11.56 -17.57 -13.35
C PHE B 186 -11.40 -16.14 -12.80
N GLU B 187 -11.29 -15.14 -13.68
CA GLU B 187 -11.18 -13.70 -13.26
C GLU B 187 -12.41 -13.28 -12.44
N VAL B 188 -13.64 -13.64 -12.85
CA VAL B 188 -14.86 -13.33 -12.07
C VAL B 188 -14.76 -13.89 -10.66
N ALA B 189 -14.30 -15.12 -10.53
CA ALA B 189 -14.17 -15.82 -9.22
C ALA B 189 -13.08 -15.12 -8.39
N VAL B 190 -11.93 -14.87 -9.00
CA VAL B 190 -10.84 -14.11 -8.34
C VAL B 190 -11.41 -12.77 -7.82
N GLN B 191 -12.12 -12.01 -8.64
CA GLN B 191 -12.58 -10.67 -8.22
C GLN B 191 -13.64 -10.84 -7.12
N ALA B 192 -14.48 -11.86 -7.21
CA ALA B 192 -15.55 -12.10 -6.20
C ALA B 192 -14.94 -12.60 -4.87
N VAL B 193 -13.77 -13.24 -4.91
CA VAL B 193 -13.12 -13.79 -3.69
C VAL B 193 -12.20 -12.72 -3.05
N PHE B 194 -11.42 -11.99 -3.85
CA PHE B 194 -10.38 -11.08 -3.33
C PHE B 194 -10.78 -9.60 -3.37
N ALA B 195 -11.83 -9.21 -4.12
CA ALA B 195 -12.21 -7.79 -4.30
C ALA B 195 -11.01 -7.01 -4.91
N ALA B 196 -10.33 -7.68 -5.84
CA ALA B 196 -9.10 -7.20 -6.50
C ALA B 196 -8.92 -8.06 -7.76
N THR B 197 -8.22 -7.57 -8.74
CA THR B 197 -7.96 -8.30 -9.99
C THR B 197 -6.78 -9.21 -9.75
N SER B 198 -6.61 -10.19 -10.63
CA SER B 198 -5.47 -11.13 -10.61
C SER B 198 -4.15 -10.37 -10.84
N ALA B 199 -4.18 -9.20 -11.48
CA ALA B 199 -2.93 -8.41 -11.68
C ALA B 199 -2.47 -7.78 -10.34
N GLN B 200 -3.38 -7.50 -9.42
CA GLN B 200 -3.04 -6.77 -8.19
C GLN B 200 -2.40 -7.72 -7.15
N LEU B 201 -2.64 -9.03 -7.28
CA LEU B 201 -2.31 -10.04 -6.25
C LEU B 201 -1.01 -10.74 -6.60
N SER B 202 -0.09 -10.95 -5.64
CA SER B 202 1.01 -11.93 -5.84
C SER B 202 0.44 -13.34 -5.90
N LEU B 203 1.07 -14.19 -6.69
CA LEU B 203 0.73 -15.63 -6.71
C LEU B 203 0.90 -16.20 -5.28
N LEU B 204 1.93 -15.79 -4.54
CA LEU B 204 2.11 -16.32 -3.17
C LEU B 204 0.90 -15.95 -2.30
N HIS B 205 0.40 -14.72 -2.44
CA HIS B 205 -0.75 -14.26 -1.63
C HIS B 205 -1.97 -15.11 -1.98
N ALA B 206 -2.25 -15.26 -3.27
CA ALA B 206 -3.45 -16.01 -3.72
C ALA B 206 -3.35 -17.45 -3.20
N ALA B 207 -2.18 -18.04 -3.31
CA ALA B 207 -1.92 -19.45 -2.95
C ALA B 207 -2.10 -19.65 -1.46
N HIS B 208 -1.52 -18.77 -0.65
CA HIS B 208 -1.75 -18.80 0.82
C HIS B 208 -3.25 -18.75 1.12
N TYR B 209 -3.99 -17.84 0.48
CA TYR B 209 -5.44 -17.66 0.71
C TYR B 209 -6.20 -18.95 0.41
N VAL B 210 -5.82 -19.60 -0.69
CA VAL B 210 -6.46 -20.87 -1.14
C VAL B 210 -6.15 -21.96 -0.12
N HIS B 211 -4.90 -22.05 0.34
CA HIS B 211 -4.56 -23.07 1.37
C HIS B 211 -5.35 -22.80 2.65
N SER B 212 -5.44 -21.53 3.05
CA SER B 212 -6.12 -21.07 4.28
C SER B 212 -7.58 -21.50 4.26
N ALA B 213 -8.21 -21.50 3.07
CA ALA B 213 -9.65 -21.85 2.92
C ALA B 213 -9.85 -23.35 2.77
N GLY B 214 -8.82 -24.10 2.37
CA GLY B 214 -8.97 -25.55 2.11
C GLY B 214 -9.25 -25.79 0.64
N GLY B 215 -8.91 -24.89 -0.28
CA GLY B 215 -9.02 -25.15 -1.71
C GLY B 215 -9.91 -24.18 -2.48
N TRP B 216 -9.84 -24.28 -3.80
CA TRP B 216 -10.60 -23.38 -4.74
C TRP B 216 -12.10 -23.63 -4.60
N SER B 217 -12.52 -24.88 -4.53
CA SER B 217 -13.95 -25.25 -4.33
C SER B 217 -14.49 -24.64 -3.03
N LYS B 218 -13.75 -24.73 -1.92
CA LYS B 218 -14.19 -24.13 -0.64
C LYS B 218 -14.45 -22.63 -0.82
N LEU B 219 -13.68 -21.93 -1.65
CA LEU B 219 -13.86 -20.47 -1.84
C LEU B 219 -15.03 -20.17 -2.77
N THR B 220 -15.23 -20.99 -3.78
CA THR B 220 -16.14 -20.63 -4.92
C THR B 220 -17.49 -21.35 -4.84
N ASP B 221 -17.60 -22.43 -4.09
CA ASP B 221 -18.82 -23.26 -4.09
C ASP B 221 -19.87 -22.61 -3.18
N THR B 222 -21.14 -22.80 -3.52
CA THR B 222 -22.28 -22.55 -2.62
C THR B 222 -22.46 -23.81 -1.75
N GLU B 223 -23.13 -24.84 -2.28
CA GLU B 223 -23.25 -26.14 -1.55
C GLU B 223 -21.83 -26.68 -1.37
N GLY B 224 -21.42 -26.86 -0.12
CA GLY B 224 -20.11 -27.44 0.22
C GLY B 224 -19.00 -26.41 0.31
N GLY B 225 -19.31 -25.12 0.16
CA GLY B 225 -18.30 -24.03 0.16
C GLY B 225 -18.72 -22.84 1.01
N ALA B 226 -17.97 -21.75 0.88
CA ALA B 226 -18.01 -20.57 1.80
C ALA B 226 -19.37 -19.86 1.69
N GLN B 227 -20.14 -20.08 0.63
CA GLN B 227 -21.46 -19.39 0.41
C GLN B 227 -22.62 -20.34 0.74
N GLN B 228 -22.37 -21.38 1.55
CA GLN B 228 -23.43 -22.40 1.76
C GLN B 228 -24.59 -21.87 2.60
N ASP B 229 -24.31 -21.14 3.67
CA ASP B 229 -25.31 -20.83 4.72
C ASP B 229 -25.31 -19.33 5.06
N ARG B 230 -26.46 -18.85 5.51
CA ARG B 230 -26.69 -17.51 6.06
C ARG B 230 -27.14 -17.66 7.51
N LEU B 231 -27.16 -16.56 8.25
CA LEU B 231 -27.67 -16.46 9.63
C LEU B 231 -29.06 -15.81 9.65
N VAL B 232 -30.05 -16.47 10.24
CA VAL B 232 -31.40 -15.88 10.44
C VAL B 232 -31.25 -14.61 11.26
N GLY B 233 -31.71 -13.45 10.78
CA GLY B 233 -31.54 -12.18 11.52
C GLY B 233 -30.31 -11.39 11.08
N GLY B 234 -29.42 -12.04 10.33
CA GLY B 234 -28.18 -11.39 9.84
C GLY B 234 -27.02 -11.52 10.81
N VAL B 235 -25.86 -11.01 10.41
CA VAL B 235 -24.59 -11.28 11.14
C VAL B 235 -24.36 -10.27 12.26
N GLN B 236 -24.71 -8.98 12.12
CA GLN B 236 -24.42 -8.01 13.21
C GLN B 236 -25.08 -8.41 14.55
N PRO B 237 -26.30 -8.98 14.57
CA PRO B 237 -26.86 -9.49 15.83
C PRO B 237 -25.99 -10.54 16.51
N LEU B 238 -25.27 -11.36 15.73
CA LEU B 238 -24.34 -12.34 16.35
C LEU B 238 -23.26 -11.54 17.09
N ALA B 239 -22.66 -10.54 16.45
CA ALA B 239 -21.60 -9.72 17.08
C ALA B 239 -22.17 -9.06 18.33
N GLU B 240 -23.41 -8.58 18.26
CA GLU B 240 -24.08 -7.95 19.42
C GLU B 240 -24.28 -8.94 20.58
N ARG B 241 -24.63 -10.19 20.29
CA ARG B 241 -24.73 -11.23 21.36
C ARG B 241 -23.35 -11.53 21.96
N LEU B 242 -22.29 -11.53 21.13
CA LEU B 242 -20.91 -11.75 21.64
C LEU B 242 -20.51 -10.56 22.52
N ALA B 243 -20.84 -9.32 22.15
CA ALA B 243 -20.52 -8.13 22.96
C ALA B 243 -21.26 -8.23 24.31
N ALA B 244 -22.47 -8.79 24.30
CA ALA B 244 -23.31 -8.90 25.52
C ALA B 244 -22.66 -9.86 26.51
N ARG B 245 -21.63 -10.64 26.13
CA ARG B 245 -20.94 -11.55 27.06
C ARG B 245 -19.91 -10.77 27.88
N LEU B 246 -19.64 -9.49 27.56
CA LEU B 246 -18.69 -8.65 28.34
C LEU B 246 -19.44 -8.02 29.50
N PRO B 247 -18.75 -7.70 30.61
CA PRO B 247 -19.39 -6.99 31.71
C PRO B 247 -19.78 -5.55 31.35
N ASP B 248 -20.74 -5.01 32.08
CA ASP B 248 -21.24 -3.62 31.90
C ASP B 248 -20.06 -2.65 31.97
N GLY B 249 -19.99 -1.67 31.07
CA GLY B 249 -18.90 -0.66 31.06
C GLY B 249 -17.67 -1.08 30.25
N ALA B 250 -17.55 -2.33 29.81
CA ALA B 250 -16.33 -2.81 29.10
C ALA B 250 -16.31 -2.25 27.68
N LEU B 251 -17.46 -2.19 27.00
CA LEU B 251 -17.49 -1.74 25.59
C LEU B 251 -17.69 -0.22 25.57
N ARG B 252 -16.86 0.52 24.85
CA ARG B 252 -17.02 1.98 24.67
C ARG B 252 -17.21 2.28 23.19
N LEU B 253 -18.47 2.53 22.78
CA LEU B 253 -18.75 2.85 21.36
C LEU B 253 -18.43 4.31 21.10
N SER B 254 -18.30 4.65 19.82
CA SER B 254 -18.12 6.04 19.36
C SER B 254 -16.88 6.58 20.04
N THR B 255 -15.84 5.74 20.18
CA THR B 255 -14.57 6.15 20.83
C THR B 255 -13.39 5.72 19.96
N PRO B 256 -13.11 6.41 18.85
CA PRO B 256 -11.96 6.09 18.03
C PRO B 256 -10.66 6.21 18.83
N VAL B 257 -9.71 5.29 18.59
CA VAL B 257 -8.36 5.40 19.19
C VAL B 257 -7.47 6.21 18.26
N ARG B 258 -6.83 7.26 18.77
CA ARG B 258 -5.98 8.18 18.00
C ARG B 258 -4.50 7.86 18.23
N GLY B 259 -4.16 7.38 19.41
CA GLY B 259 -2.74 7.24 19.84
C GLY B 259 -2.54 6.05 20.73
N LEU B 260 -1.35 5.46 20.69
CA LEU B 260 -1.02 4.26 21.51
C LEU B 260 0.44 4.44 21.91
N ALA B 261 0.67 4.84 23.15
CA ALA B 261 2.01 5.13 23.70
C ALA B 261 2.37 3.97 24.61
N GLN B 262 3.62 3.51 24.59
CA GLN B 262 3.93 2.40 25.52
C GLN B 262 5.27 2.67 26.16
N ASP B 263 5.50 1.99 27.28
CA ASP B 263 6.78 2.05 28.01
C ASP B 263 7.01 0.66 28.60
N GLY B 264 7.93 0.58 29.56
CA GLY B 264 8.31 -0.72 30.11
C GLY B 264 7.19 -1.37 30.90
N ASP B 265 6.20 -0.61 31.38
CA ASP B 265 5.21 -1.11 32.38
C ASP B 265 3.79 -1.17 31.78
N GLY B 266 3.52 -0.48 30.68
CA GLY B 266 2.15 -0.53 30.12
C GLY B 266 2.02 0.29 28.86
N VAL B 267 0.77 0.50 28.48
CA VAL B 267 0.37 1.23 27.25
C VAL B 267 -0.65 2.30 27.69
N THR B 268 -0.56 3.47 27.09
CA THR B 268 -1.52 4.57 27.29
C THR B 268 -2.26 4.79 25.97
N VAL B 269 -3.55 4.61 26.00
CA VAL B 269 -4.42 4.73 24.79
C VAL B 269 -5.01 6.15 24.78
N ARG B 270 -4.79 6.91 23.71
CA ARG B 270 -5.31 8.28 23.58
C ARG B 270 -6.57 8.28 22.69
N THR B 271 -7.68 8.86 23.18
CA THR B 271 -8.91 9.15 22.40
C THR B 271 -9.12 10.67 22.37
N ALA B 272 -10.17 11.19 21.70
CA ALA B 272 -10.42 12.65 21.58
C ALA B 272 -10.51 13.30 22.97
N GLY B 273 -11.20 12.65 23.91
CA GLY B 273 -11.57 13.22 25.21
C GLY B 273 -10.63 12.82 26.32
N GLY B 274 -9.88 11.73 26.17
CA GLY B 274 -9.08 11.26 27.31
C GLY B 274 -8.08 10.19 26.96
N GLU B 275 -7.72 9.44 27.98
CA GLU B 275 -6.67 8.39 27.91
C GLU B 275 -7.15 7.23 28.75
N VAL B 276 -6.75 6.02 28.37
CA VAL B 276 -6.94 4.78 29.16
C VAL B 276 -5.54 4.19 29.36
N ARG B 277 -5.24 3.70 30.54
CA ARG B 277 -3.96 3.02 30.83
C ARG B 277 -4.25 1.52 30.88
N ALA B 278 -3.42 0.70 30.23
CA ALA B 278 -3.52 -0.77 30.29
C ALA B 278 -2.13 -1.39 30.42
N ARG B 279 -2.07 -2.64 30.78
CA ARG B 279 -0.80 -3.40 30.80
C ARG B 279 -0.43 -3.82 29.37
N ARG B 280 -1.41 -4.29 28.56
CA ARG B 280 -1.18 -4.72 27.17
C ARG B 280 -2.38 -4.27 26.32
N ALA B 281 -2.15 -4.08 25.03
CA ALA B 281 -3.21 -3.75 24.05
C ALA B 281 -3.29 -4.84 22.99
N ILE B 282 -4.51 -5.04 22.47
CA ILE B 282 -4.73 -5.85 21.26
C ILE B 282 -5.32 -4.90 20.23
N VAL B 283 -4.57 -4.63 19.16
CA VAL B 283 -5.14 -3.79 18.08
C VAL B 283 -5.78 -4.74 17.07
N ALA B 284 -7.10 -4.61 16.87
CA ALA B 284 -7.87 -5.60 16.07
C ALA B 284 -8.61 -4.90 14.92
N VAL B 285 -7.95 -3.97 14.25
CA VAL B 285 -8.53 -3.12 13.16
C VAL B 285 -7.87 -3.52 11.83
N PRO B 286 -8.45 -3.14 10.66
CA PRO B 286 -7.83 -3.40 9.36
C PRO B 286 -6.42 -2.85 9.29
N PRO B 287 -5.50 -3.54 8.61
CA PRO B 287 -4.09 -3.14 8.56
C PRO B 287 -3.89 -1.66 8.20
N THR B 288 -4.64 -1.15 7.20
CA THR B 288 -4.51 0.27 6.78
C THR B 288 -4.84 1.20 7.96
N LEU B 289 -5.83 0.88 8.79
CA LEU B 289 -6.20 1.76 9.93
C LEU B 289 -5.22 1.58 11.09
N ALA B 290 -4.68 0.38 11.29
CA ALA B 290 -3.68 0.16 12.36
C ALA B 290 -2.50 1.11 12.16
N GLY B 291 -2.10 1.29 10.91
CA GLY B 291 -0.94 2.12 10.54
C GLY B 291 -1.18 3.61 10.76
N ARG B 292 -2.45 4.03 10.90
CA ARG B 292 -2.81 5.46 11.04
C ARG B 292 -2.80 5.89 12.50
N ILE B 293 -2.81 4.95 13.45
CA ILE B 293 -2.79 5.28 14.90
C ILE B 293 -1.40 5.85 15.20
N ASP B 294 -1.36 6.86 16.03
CA ASP B 294 -0.12 7.53 16.47
C ASP B 294 0.57 6.59 17.48
N HIS B 295 1.57 5.85 17.04
CA HIS B 295 2.34 4.92 17.93
C HIS B 295 3.55 5.65 18.51
N ASP B 296 3.78 5.53 19.82
CA ASP B 296 4.98 6.07 20.50
C ASP B 296 5.51 4.96 21.42
N PRO B 297 6.73 4.42 21.20
CA PRO B 297 7.60 4.76 20.07
C PRO B 297 7.02 4.41 18.71
N PRO B 298 7.54 4.99 17.60
CA PRO B 298 7.05 4.61 16.28
C PRO B 298 7.19 3.10 16.09
N LEU B 299 6.29 2.49 15.31
CA LEU B 299 6.36 1.07 14.91
C LEU B 299 7.71 0.89 14.21
N PRO B 300 8.31 -0.32 14.36
CA PRO B 300 9.48 -0.70 13.61
C PRO B 300 9.24 -0.59 12.11
N PRO B 301 10.29 -0.28 11.34
CA PRO B 301 10.13 0.01 9.92
C PRO B 301 9.54 -1.15 9.10
N GLN B 302 9.95 -2.41 9.36
CA GLN B 302 9.36 -3.57 8.63
C GLN B 302 7.85 -3.60 8.80
N ARG B 303 7.39 -3.39 10.04
CA ARG B 303 5.93 -3.40 10.30
C ARG B 303 5.25 -2.22 9.60
N ASP B 304 5.78 -1.00 9.75
CA ASP B 304 5.14 0.18 9.08
C ASP B 304 5.05 -0.10 7.57
N GLN B 305 6.15 -0.56 6.96
CA GLN B 305 6.17 -0.79 5.49
C GLN B 305 5.28 -1.99 5.13
N LEU B 306 5.12 -3.00 6.00
CA LEU B 306 4.13 -4.07 5.70
C LEU B 306 2.74 -3.45 5.56
N LEU B 307 2.33 -2.57 6.47
CA LEU B 307 0.97 -1.98 6.39
C LEU B 307 0.83 -1.15 5.12
N GLN B 308 1.87 -0.47 4.66
CA GLN B 308 1.83 0.26 3.37
C GLN B 308 1.62 -0.72 2.20
N HIS B 309 2.00 -2.00 2.37
CA HIS B 309 1.91 -3.06 1.36
C HIS B 309 0.72 -3.99 1.63
N MET B 310 -0.25 -3.60 2.45
CA MET B 310 -1.48 -4.42 2.72
C MET B 310 -2.73 -3.59 2.40
N PRO B 311 -2.90 -3.13 1.14
CA PRO B 311 -4.09 -2.37 0.72
C PRO B 311 -5.35 -3.23 0.83
N GLN B 312 -6.45 -2.64 1.30
CA GLN B 312 -7.77 -3.31 1.36
C GLN B 312 -8.34 -3.41 -0.06
N GLY B 313 -9.25 -4.35 -0.23
CA GLY B 313 -9.94 -4.57 -1.49
C GLY B 313 -10.93 -3.46 -1.78
N SER B 314 -11.58 -3.55 -2.95
CA SER B 314 -12.57 -2.55 -3.43
C SER B 314 -13.86 -3.30 -3.77
N VAL B 315 -14.90 -3.12 -2.96
CA VAL B 315 -16.23 -3.77 -3.26
C VAL B 315 -17.34 -2.80 -2.86
N VAL B 316 -18.37 -2.74 -3.71
CA VAL B 316 -19.67 -2.16 -3.37
C VAL B 316 -20.64 -3.34 -3.35
N LYS B 317 -21.27 -3.59 -2.20
CA LYS B 317 -22.21 -4.72 -2.08
C LYS B 317 -23.64 -4.19 -2.17
N PHE B 318 -24.52 -4.87 -2.90
CA PHE B 318 -25.89 -4.34 -3.07
C PHE B 318 -26.91 -5.43 -2.85
N HIS B 319 -28.10 -4.97 -2.49
CA HIS B 319 -29.33 -5.79 -2.43
C HIS B 319 -30.40 -5.04 -3.22
N VAL B 320 -30.90 -5.68 -4.27
CA VAL B 320 -32.04 -5.15 -5.06
C VAL B 320 -33.30 -5.82 -4.49
N ILE B 321 -34.28 -5.03 -4.08
CA ILE B 321 -35.50 -5.53 -3.38
C ILE B 321 -36.67 -5.58 -4.38
N TYR B 322 -37.37 -6.70 -4.43
CA TYR B 322 -38.57 -6.93 -5.30
C TYR B 322 -39.68 -7.37 -4.36
N ASP B 323 -40.94 -7.18 -4.73
CA ASP B 323 -42.06 -7.68 -3.87
C ASP B 323 -41.93 -9.19 -3.67
N GLU B 324 -41.51 -9.93 -4.70
CA GLU B 324 -41.42 -11.41 -4.67
C GLU B 324 -40.19 -11.85 -5.43
N PRO B 325 -39.62 -13.04 -5.12
CA PRO B 325 -38.53 -13.63 -5.92
C PRO B 325 -39.08 -14.23 -7.22
N TRP B 326 -39.41 -13.33 -8.16
CA TRP B 326 -40.21 -13.61 -9.40
C TRP B 326 -39.40 -14.54 -10.30
N TRP B 327 -38.07 -14.44 -10.26
CA TRP B 327 -37.21 -15.27 -11.13
C TRP B 327 -37.44 -16.77 -10.82
N ARG B 328 -37.86 -17.13 -9.59
CA ARG B 328 -38.04 -18.55 -9.16
C ARG B 328 -39.17 -19.19 -9.99
N ALA B 329 -40.24 -18.44 -10.26
CA ALA B 329 -41.38 -18.90 -11.08
C ALA B 329 -40.95 -19.14 -12.53
N GLU B 330 -39.83 -18.57 -12.98
CA GLU B 330 -39.29 -18.78 -14.35
C GLU B 330 -38.23 -19.89 -14.37
N GLY B 331 -38.02 -20.58 -13.24
CA GLY B 331 -37.00 -21.64 -13.12
C GLY B 331 -35.59 -21.08 -13.05
N LEU B 332 -35.41 -19.82 -12.60
CA LEU B 332 -34.05 -19.20 -12.52
C LEU B 332 -33.61 -19.16 -11.05
N SER B 333 -32.29 -19.28 -10.82
CA SER B 333 -31.71 -19.30 -9.46
C SER B 333 -31.62 -17.88 -8.90
N GLY B 334 -31.55 -16.89 -9.79
CA GLY B 334 -31.21 -15.51 -9.42
C GLY B 334 -29.71 -15.26 -9.46
N THR B 335 -28.91 -16.27 -9.79
CA THR B 335 -27.46 -16.10 -10.04
C THR B 335 -27.27 -15.76 -11.51
N VAL B 336 -26.51 -14.69 -11.75
CA VAL B 336 -25.98 -14.35 -13.10
C VAL B 336 -24.46 -14.30 -12.97
N LEU B 337 -23.74 -14.69 -14.02
CA LEU B 337 -22.27 -14.60 -14.09
C LEU B 337 -21.88 -13.85 -15.37
N CYS B 338 -21.18 -12.72 -15.25
CA CYS B 338 -20.91 -11.80 -16.38
C CYS B 338 -19.45 -11.36 -16.33
N PRO B 339 -18.54 -12.05 -17.05
CA PRO B 339 -17.13 -11.67 -17.05
C PRO B 339 -16.85 -10.30 -17.67
N ASP B 340 -17.76 -9.77 -18.47
CA ASP B 340 -17.51 -8.50 -19.20
C ASP B 340 -18.50 -7.41 -18.76
N GLU B 341 -19.04 -7.49 -17.54
CA GLU B 341 -20.00 -6.47 -17.02
C GLU B 341 -19.46 -5.94 -15.70
N PRO B 342 -19.95 -4.77 -15.26
CA PRO B 342 -19.50 -4.18 -14.00
C PRO B 342 -19.86 -5.02 -12.77
N ILE B 343 -20.93 -5.82 -12.89
CA ILE B 343 -21.41 -6.78 -11.84
C ILE B 343 -21.02 -8.17 -12.33
N GLY B 344 -20.15 -8.84 -11.60
CA GLY B 344 -19.62 -10.15 -12.02
C GLY B 344 -20.53 -11.30 -11.61
N VAL B 345 -21.10 -11.24 -10.39
CA VAL B 345 -21.89 -12.38 -9.82
C VAL B 345 -23.00 -11.85 -8.93
N THR B 346 -24.14 -12.56 -8.96
CA THR B 346 -25.28 -12.30 -8.08
C THR B 346 -25.75 -13.60 -7.40
N PHE B 347 -26.56 -13.41 -6.38
CA PHE B 347 -27.17 -14.52 -5.61
C PHE B 347 -28.61 -14.15 -5.26
N ASP B 348 -29.45 -15.17 -5.17
CA ASP B 348 -30.79 -15.03 -4.53
C ASP B 348 -30.60 -14.73 -3.06
N GLY B 349 -31.04 -13.56 -2.59
CA GLY B 349 -30.83 -13.05 -1.22
C GLY B 349 -32.09 -13.15 -0.37
N THR B 350 -33.13 -13.78 -0.94
CA THR B 350 -34.50 -13.80 -0.37
C THR B 350 -34.45 -14.54 0.97
N PRO B 351 -35.10 -14.05 2.05
CA PRO B 351 -35.12 -14.74 3.33
C PRO B 351 -36.07 -15.95 3.32
N PRO B 352 -35.94 -16.86 4.30
CA PRO B 352 -36.76 -18.08 4.32
C PRO B 352 -38.27 -17.83 4.14
N ALA B 353 -38.78 -16.72 4.65
CA ALA B 353 -40.24 -16.43 4.55
C ALA B 353 -40.65 -16.27 3.07
N GLY B 354 -39.73 -16.05 2.13
CA GLY B 354 -40.05 -16.09 0.70
C GLY B 354 -40.36 -14.73 0.10
N THR B 355 -40.47 -13.67 0.92
CA THR B 355 -40.62 -12.26 0.51
C THR B 355 -39.91 -11.40 1.54
N PRO B 356 -39.39 -10.21 1.20
CA PRO B 356 -39.34 -9.72 -0.19
C PRO B 356 -38.34 -10.52 -1.04
N GLY B 357 -38.46 -10.48 -2.37
CA GLY B 357 -37.45 -11.04 -3.28
C GLY B 357 -36.18 -10.20 -3.18
N ILE B 358 -35.01 -10.83 -3.10
CA ILE B 358 -33.76 -10.02 -3.06
C ILE B 358 -32.78 -10.60 -4.06
N VAL B 359 -32.14 -9.73 -4.86
CA VAL B 359 -30.97 -10.11 -5.68
C VAL B 359 -29.75 -9.39 -5.08
N THR B 360 -28.82 -10.17 -4.56
CA THR B 360 -27.59 -9.65 -3.90
C THR B 360 -26.44 -9.73 -4.90
N GLY B 361 -25.57 -8.72 -4.92
CA GLY B 361 -24.42 -8.83 -5.81
C GLY B 361 -23.37 -7.82 -5.45
N PHE B 362 -22.35 -7.74 -6.29
CA PHE B 362 -21.14 -6.96 -5.97
C PHE B 362 -20.60 -6.28 -7.22
N PHE B 363 -20.16 -5.04 -7.06
CA PHE B 363 -19.13 -4.42 -7.91
C PHE B 363 -17.78 -4.74 -7.26
N GLU B 364 -16.81 -5.25 -8.00
CA GLU B 364 -15.50 -5.67 -7.44
C GLU B 364 -14.37 -4.89 -8.12
N GLY B 365 -13.29 -4.62 -7.39
CA GLY B 365 -12.06 -4.13 -8.02
C GLY B 365 -12.32 -2.86 -8.80
N PRO B 366 -11.81 -2.75 -10.05
CA PRO B 366 -11.98 -1.54 -10.84
C PRO B 366 -13.45 -1.11 -10.98
N ALA B 367 -14.36 -2.06 -11.12
CA ALA B 367 -15.81 -1.74 -11.21
C ALA B 367 -16.29 -1.09 -9.90
N ALA B 368 -15.77 -1.50 -8.72
CA ALA B 368 -16.15 -0.94 -7.40
C ALA B 368 -15.65 0.50 -7.32
N VAL B 369 -14.44 0.77 -7.79
CA VAL B 369 -13.84 2.15 -7.68
C VAL B 369 -14.62 3.07 -8.62
N ALA B 370 -14.96 2.62 -9.82
CA ALA B 370 -15.77 3.42 -10.78
C ALA B 370 -17.16 3.70 -10.18
N ALA B 371 -17.81 2.66 -9.64
CA ALA B 371 -19.18 2.79 -9.10
C ALA B 371 -19.18 3.66 -7.85
N GLY B 372 -18.14 3.54 -7.02
CA GLY B 372 -18.11 4.30 -5.76
C GLY B 372 -18.05 5.81 -6.02
N ALA B 373 -17.61 6.22 -7.21
CA ALA B 373 -17.51 7.65 -7.60
C ALA B 373 -18.87 8.19 -8.06
N ARG B 374 -19.87 7.32 -8.23
CA ARG B 374 -21.20 7.70 -8.74
C ARG B 374 -22.19 7.69 -7.58
N THR B 375 -23.44 8.08 -7.80
CA THR B 375 -24.49 8.11 -6.75
C THR B 375 -25.09 6.71 -6.59
N ARG B 376 -25.76 6.48 -5.46
CA ARG B 376 -26.56 5.26 -5.21
C ARG B 376 -27.53 5.04 -6.40
N GLU B 377 -28.26 6.06 -6.82
CA GLU B 377 -29.26 5.92 -7.91
C GLU B 377 -28.55 5.53 -9.22
N GLU B 378 -27.37 6.06 -9.46
CA GLU B 378 -26.61 5.68 -10.68
C GLU B 378 -26.15 4.21 -10.59
N ARG B 379 -25.70 3.76 -9.41
CA ARG B 379 -25.30 2.34 -9.23
C ARG B 379 -26.51 1.43 -9.43
N ARG B 380 -27.66 1.80 -8.87
CA ARG B 380 -28.94 1.06 -9.05
C ARG B 380 -29.19 0.85 -10.55
N ASP B 381 -29.05 1.90 -11.36
CA ASP B 381 -29.42 1.87 -12.80
C ASP B 381 -28.42 0.97 -13.56
N VAL B 382 -27.16 0.91 -13.11
CA VAL B 382 -26.18 -0.06 -13.68
C VAL B 382 -26.65 -1.48 -13.35
N VAL B 383 -27.00 -1.76 -12.10
CA VAL B 383 -27.37 -3.14 -11.68
C VAL B 383 -28.61 -3.59 -12.47
N VAL B 384 -29.63 -2.74 -12.50
CA VAL B 384 -30.93 -3.07 -13.17
C VAL B 384 -30.69 -3.33 -14.65
N ASP B 385 -29.76 -2.62 -15.28
CA ASP B 385 -29.45 -2.82 -16.70
C ASP B 385 -28.86 -4.22 -16.88
N VAL B 386 -27.95 -4.64 -16.00
CA VAL B 386 -27.36 -6.00 -16.12
C VAL B 386 -28.46 -7.05 -15.89
N LEU B 387 -29.27 -6.86 -14.86
CA LEU B 387 -30.29 -7.87 -14.48
C LEU B 387 -31.37 -7.93 -15.58
N ALA B 388 -31.72 -6.81 -16.20
CA ALA B 388 -32.76 -6.79 -17.27
C ALA B 388 -32.31 -7.67 -18.44
N ARG B 389 -31.03 -7.65 -18.77
CA ARG B 389 -30.44 -8.41 -19.89
C ARG B 389 -30.14 -9.87 -19.56
N THR B 390 -30.24 -10.28 -18.30
CA THR B 390 -29.86 -11.64 -17.83
C THR B 390 -31.07 -12.32 -17.20
N LEU B 391 -31.67 -11.78 -16.13
CA LEU B 391 -32.87 -12.37 -15.50
C LEU B 391 -34.13 -12.01 -16.30
N GLY B 392 -34.16 -10.85 -16.94
CA GLY B 392 -35.27 -10.46 -17.84
C GLY B 392 -35.99 -9.19 -17.41
N GLU B 393 -37.09 -8.92 -18.10
CA GLU B 393 -37.84 -7.65 -18.11
C GLU B 393 -38.28 -7.27 -16.70
N ARG B 394 -38.75 -8.24 -15.91
CA ARG B 394 -39.30 -7.96 -14.55
C ARG B 394 -38.19 -7.38 -13.64
N ALA B 395 -36.92 -7.43 -14.03
CA ALA B 395 -35.84 -6.87 -13.16
C ALA B 395 -35.98 -5.33 -13.01
N ARG B 396 -36.75 -4.67 -13.88
CA ARG B 396 -37.02 -3.20 -13.78
C ARG B 396 -38.03 -2.87 -12.68
N ASP B 397 -38.86 -3.81 -12.25
CA ASP B 397 -39.93 -3.61 -11.25
C ASP B 397 -39.32 -3.57 -9.84
N VAL B 398 -38.41 -2.65 -9.57
CA VAL B 398 -37.62 -2.57 -8.31
C VAL B 398 -38.47 -1.92 -7.21
N ARG B 399 -38.58 -2.52 -6.04
CA ARG B 399 -39.23 -1.90 -4.87
C ARG B 399 -38.19 -0.97 -4.22
N ASP B 400 -36.94 -1.41 -4.12
CA ASP B 400 -35.91 -0.58 -3.42
C ASP B 400 -34.53 -1.09 -3.83
N TYR B 401 -33.48 -0.33 -3.50
CA TYR B 401 -32.08 -0.67 -3.82
C TYR B 401 -31.23 -0.18 -2.64
N ILE B 402 -30.49 -1.10 -2.03
CA ILE B 402 -29.70 -0.78 -0.83
C ILE B 402 -28.26 -1.21 -1.09
N ASP B 403 -27.29 -0.34 -0.83
CA ASP B 403 -25.89 -0.71 -1.14
C ASP B 403 -24.93 -0.03 -0.18
N ARG B 404 -23.71 -0.52 -0.15
CA ARG B 404 -22.64 0.05 0.70
C ARG B 404 -21.34 -0.07 -0.08
N ASP B 405 -20.66 1.07 -0.22
CA ASP B 405 -19.27 1.16 -0.71
C ASP B 405 -18.35 1.08 0.51
N TRP B 406 -17.77 -0.11 0.73
CA TRP B 406 -16.93 -0.37 1.93
C TRP B 406 -15.63 0.46 1.88
N SER B 407 -15.23 0.93 0.71
CA SER B 407 -14.03 1.78 0.55
C SER B 407 -14.29 3.16 1.14
N ALA B 408 -15.56 3.62 1.17
CA ALA B 408 -15.99 4.95 1.65
C ALA B 408 -16.23 4.91 3.17
N GLU B 409 -16.20 3.75 3.81
CA GLU B 409 -16.37 3.60 5.28
C GLU B 409 -15.07 4.01 5.94
N PRO B 410 -15.01 5.14 6.66
CA PRO B 410 -13.73 5.57 7.23
C PRO B 410 -13.12 4.58 8.22
N TRP B 411 -13.96 3.75 8.84
CA TRP B 411 -13.45 2.77 9.84
C TRP B 411 -13.26 1.35 9.24
N THR B 412 -13.36 1.20 7.92
CA THR B 412 -12.89 0.00 7.18
C THR B 412 -11.89 0.38 6.07
N ARG B 413 -12.30 1.21 5.11
CA ARG B 413 -11.47 1.63 3.95
C ARG B 413 -11.15 0.44 3.04
N GLY B 414 -12.11 -0.47 2.93
CA GLY B 414 -12.18 -1.45 1.86
C GLY B 414 -12.48 -2.84 2.39
N CYS B 415 -13.38 -3.52 1.71
CA CYS B 415 -13.69 -4.96 1.93
C CYS B 415 -13.13 -5.75 0.76
N TYR B 416 -13.01 -7.08 0.94
CA TYR B 416 -13.36 -7.82 2.15
C TYR B 416 -12.23 -7.67 3.19
N GLY B 417 -11.02 -7.57 2.70
CA GLY B 417 -9.81 -7.45 3.53
C GLY B 417 -8.60 -7.06 2.73
N ALA B 418 -7.44 -7.11 3.34
CA ALA B 418 -6.18 -6.75 2.65
C ALA B 418 -5.78 -7.83 1.64
N HIS B 419 -5.02 -7.43 0.64
CA HIS B 419 -4.25 -8.35 -0.22
C HIS B 419 -2.83 -7.82 -0.24
N LEU B 420 -1.91 -8.62 -0.76
CA LEU B 420 -0.49 -8.22 -0.79
C LEU B 420 -0.04 -8.31 -2.25
N PRO B 421 0.54 -7.21 -2.76
CA PRO B 421 1.07 -7.20 -4.12
C PRO B 421 2.39 -7.95 -4.20
N PRO B 422 2.94 -8.18 -5.40
CA PRO B 422 4.20 -8.89 -5.54
C PRO B 422 5.31 -8.27 -4.69
N GLY B 423 6.10 -9.13 -4.06
CA GLY B 423 7.27 -8.73 -3.26
C GLY B 423 6.96 -8.45 -1.80
N ALA B 424 5.70 -8.41 -1.37
CA ALA B 424 5.35 -7.94 -0.02
C ALA B 424 5.47 -9.08 1.01
N TRP B 425 4.92 -10.26 0.73
CA TRP B 425 4.91 -11.38 1.69
C TRP B 425 6.32 -11.75 2.13
N THR B 426 7.29 -11.84 1.21
CA THR B 426 8.65 -12.36 1.60
C THR B 426 9.46 -11.26 2.28
N VAL B 427 9.24 -10.00 1.96
CA VAL B 427 10.11 -8.92 2.51
C VAL B 427 9.52 -8.28 3.77
N TYR B 428 8.23 -7.99 3.75
CA TYR B 428 7.54 -7.28 4.85
C TYR B 428 6.71 -8.24 5.70
N GLY B 429 6.17 -9.28 5.05
CA GLY B 429 5.21 -10.21 5.65
C GLY B 429 5.61 -10.77 7.01
N PRO B 430 6.89 -11.10 7.30
CA PRO B 430 7.23 -11.67 8.61
C PRO B 430 6.83 -10.83 9.83
N ALA B 431 6.55 -9.54 9.65
CA ALA B 431 6.12 -8.63 10.72
C ALA B 431 4.61 -8.72 10.98
N LEU B 432 3.86 -9.51 10.22
CA LEU B 432 2.37 -9.53 10.28
C LEU B 432 1.85 -9.66 11.71
N ARG B 433 2.31 -10.66 12.48
CA ARG B 433 1.66 -11.04 13.79
C ARG B 433 2.52 -10.73 15.01
N VAL B 434 3.78 -10.42 14.79
CA VAL B 434 4.81 -10.25 15.87
C VAL B 434 4.41 -9.05 16.72
N PRO B 435 4.21 -9.23 18.02
CA PRO B 435 3.90 -8.11 18.89
C PRO B 435 5.04 -7.08 18.93
N VAL B 436 4.66 -5.82 19.13
CA VAL B 436 5.60 -4.70 19.24
C VAL B 436 5.53 -4.27 20.69
N GLY B 437 6.45 -4.84 21.48
CA GLY B 437 6.45 -4.64 22.94
C GLY B 437 5.14 -5.16 23.54
N ARG B 438 4.35 -4.26 24.12
CA ARG B 438 3.08 -4.62 24.79
C ARG B 438 1.86 -4.42 23.85
N VAL B 439 2.11 -4.18 22.58
CA VAL B 439 1.02 -4.05 21.57
C VAL B 439 0.96 -5.32 20.73
N HIS B 440 -0.18 -6.01 20.80
CA HIS B 440 -0.44 -7.27 20.08
C HIS B 440 -1.50 -7.01 19.00
N TRP B 441 -1.58 -7.89 18.02
CA TRP B 441 -2.33 -7.69 16.74
C TRP B 441 -3.34 -8.80 16.59
N ALA B 442 -4.55 -8.43 16.18
CA ALA B 442 -5.60 -9.36 15.79
C ALA B 442 -6.31 -8.78 14.57
N GLY B 443 -7.26 -9.55 14.04
CA GLY B 443 -7.94 -9.23 12.79
C GLY B 443 -7.82 -10.41 11.84
N THR B 444 -8.78 -10.53 10.93
CA THR B 444 -8.88 -11.66 10.01
C THR B 444 -7.59 -11.81 9.19
N GLU B 445 -6.94 -10.69 8.87
CA GLU B 445 -5.68 -10.65 8.09
C GLU B 445 -4.55 -11.37 8.83
N THR B 446 -4.67 -11.65 10.11
CA THR B 446 -3.59 -12.38 10.89
C THR B 446 -3.94 -13.84 11.11
N ALA B 447 -5.07 -14.33 10.59
CA ALA B 447 -5.53 -15.71 10.82
C ALA B 447 -4.73 -16.66 9.93
N GLU B 448 -4.52 -17.89 10.39
CA GLU B 448 -3.89 -18.98 9.57
C GLU B 448 -4.99 -19.63 8.74
N ARG B 449 -6.17 -19.82 9.34
CA ARG B 449 -7.26 -20.54 8.63
C ARG B 449 -8.41 -19.60 8.32
N TRP B 450 -8.96 -19.72 7.11
CA TRP B 450 -10.06 -18.83 6.67
C TRP B 450 -9.68 -17.37 6.90
N THR B 451 -8.43 -17.02 6.60
CA THR B 451 -8.05 -15.60 6.54
C THR B 451 -8.99 -14.89 5.55
N GLY B 452 -9.43 -13.70 5.93
CA GLY B 452 -10.31 -12.83 5.13
C GLY B 452 -11.78 -13.05 5.43
N TYR B 453 -12.12 -14.04 6.25
CA TYR B 453 -13.50 -14.42 6.64
C TYR B 453 -13.74 -14.13 8.13
N ILE B 454 -15.02 -14.12 8.51
CA ILE B 454 -15.46 -14.03 9.93
C ILE B 454 -14.79 -15.15 10.74
N ASP B 455 -14.74 -16.37 10.18
CA ASP B 455 -14.11 -17.52 10.87
C ASP B 455 -12.66 -17.15 11.24
N GLY B 456 -11.86 -16.63 10.29
CA GLY B 456 -10.49 -16.16 10.58
C GLY B 456 -10.44 -14.99 11.53
N ALA B 457 -11.39 -14.05 11.50
CA ALA B 457 -11.43 -12.98 12.54
C ALA B 457 -11.51 -13.63 13.93
N ILE B 458 -12.33 -14.66 14.08
CA ILE B 458 -12.53 -15.31 15.41
C ILE B 458 -11.24 -16.02 15.80
N GLU B 459 -10.64 -16.79 14.89
CA GLU B 459 -9.34 -17.44 15.16
C GLU B 459 -8.33 -16.41 15.68
N SER B 460 -8.21 -15.27 15.01
CA SER B 460 -7.18 -14.24 15.35
C SER B 460 -7.44 -13.67 16.76
N GLY B 461 -8.69 -13.45 17.14
CA GLY B 461 -9.08 -13.00 18.49
C GLY B 461 -8.67 -14.00 19.55
N GLN B 462 -8.91 -15.30 19.30
CA GLN B 462 -8.53 -16.36 20.29
C GLN B 462 -7.00 -16.38 20.39
N ARG B 463 -6.32 -16.25 19.27
CA ARG B 463 -4.83 -16.32 19.29
C ARG B 463 -4.29 -15.13 20.08
N ALA B 464 -4.74 -13.91 19.80
CA ALA B 464 -4.23 -12.69 20.43
C ALA B 464 -4.57 -12.67 21.91
N ALA B 465 -5.78 -13.13 22.30
CA ALA B 465 -6.10 -13.27 23.73
C ALA B 465 -5.13 -14.24 24.43
N ALA B 466 -4.87 -15.42 23.86
CA ALA B 466 -3.96 -16.45 24.45
C ALA B 466 -2.56 -15.86 24.58
N GLU B 467 -2.13 -15.11 23.58
CA GLU B 467 -0.81 -14.44 23.61
C GLU B 467 -0.73 -13.44 24.74
N VAL B 468 -1.71 -12.59 24.88
CA VAL B 468 -1.73 -11.54 25.91
C VAL B 468 -1.78 -12.20 27.31
N LEU B 469 -2.63 -13.21 27.47
CA LEU B 469 -2.80 -13.88 28.77
C LEU B 469 -1.48 -14.58 29.13
N ALA B 470 -0.77 -15.18 28.17
CA ALA B 470 0.53 -15.84 28.45
C ALA B 470 1.56 -14.76 28.84
N ALA B 471 1.56 -13.61 28.21
CA ALA B 471 2.58 -12.56 28.47
C ALA B 471 2.30 -11.78 29.77
N LEU B 472 1.04 -11.67 30.22
CA LEU B 472 0.77 -11.07 31.56
C LEU B 472 1.26 -12.04 32.66
N GLY B 473 1.21 -13.36 32.40
CA GLY B 473 1.30 -14.44 33.39
C GLY B 473 0.23 -15.50 33.12
PA FAD C . 9.51 15.68 1.97
O1A FAD C . 9.19 14.31 2.53
O2A FAD C . 10.94 16.11 1.86
O5B FAD C . 8.76 16.75 2.89
C5B FAD C . 7.58 16.45 3.66
C4B FAD C . 7.67 17.16 4.98
O4B FAD C . 6.41 16.93 5.72
C3B FAD C . 8.78 16.64 5.90
O3B FAD C . 9.61 17.74 6.37
C2B FAD C . 8.05 15.96 7.04
O2B FAD C . 8.69 16.04 8.30
C1B FAD C . 6.73 16.63 7.10
N9A FAD C . 5.59 15.91 7.67
C8A FAD C . 5.14 14.65 7.37
N7A FAD C . 3.96 14.37 7.99
C5A FAD C . 3.64 15.52 8.63
C6A FAD C . 2.54 15.91 9.36
N6A FAD C . 1.53 15.06 9.60
N1A FAD C . 2.46 17.15 9.89
C2A FAD C . 3.43 18.07 9.62
N3A FAD C . 4.53 17.74 8.91
C4A FAD C . 4.61 16.50 8.38
N1 FAD C . 16.40 13.49 -4.67
C2 FAD C . 17.29 14.20 -5.43
O2 FAD C . 16.85 15.15 -6.17
N3 FAD C . 18.63 13.91 -5.45
C4 FAD C . 19.08 12.84 -4.71
O4 FAD C . 20.33 12.59 -4.61
C4X FAD C . 18.16 12.10 -3.93
N5 FAD C . 18.59 11.00 -3.18
C5X FAD C . 17.74 10.56 -2.15
C6 FAD C . 18.29 9.75 -1.13
C7 FAD C . 17.58 9.46 0.02
C7M FAD C . 18.25 8.50 1.05
C8 FAD C . 16.37 10.09 0.23
C8M FAD C . 15.53 9.89 1.49
C9 FAD C . 15.81 10.89 -0.77
C9A FAD C . 16.52 11.15 -1.99
N10 FAD C . 15.94 11.83 -3.07
C10 FAD C . 16.83 12.48 -3.91
C1' FAD C . 14.55 12.25 -3.09
C2' FAD C . 14.26 13.64 -2.44
O2' FAD C . 14.93 13.83 -1.21
C3' FAD C . 12.78 13.85 -2.36
O3' FAD C . 12.12 13.73 -3.65
C4' FAD C . 12.33 15.28 -1.93
O4' FAD C . 13.16 15.76 -0.88
C5' FAD C . 10.90 15.22 -1.46
O5' FAD C . 10.42 16.54 -1.14
P FAD C . 8.90 16.80 -0.66
O1P FAD C . 8.87 18.17 -0.15
O2P FAD C . 7.94 16.24 -1.70
O3P FAD C . 8.68 15.72 0.54
C1 GOL D . 15.17 25.16 10.00
O1 GOL D . 15.73 23.85 9.80
C2 GOL D . 16.08 26.10 10.77
O2 GOL D . 17.35 26.18 10.14
C3 GOL D . 15.60 27.53 10.87
O3 GOL D . 14.19 27.65 11.06
CA 13D E . 19.24 9.26 -5.88
CB 13D E . 17.79 8.97 -6.17
CC 13D E . 16.90 10.13 -6.49
ND 13D E . 15.45 9.97 -6.15
NAA 13D E . 19.92 8.36 -4.95
OA 4HA F . 21.29 6.16 -8.54
CB 4HA F . 21.48 5.61 -9.59
CG 4HA F . 22.75 4.95 -10.03
CD 4HA F . 22.58 4.02 -11.21
CE 4HA F . 23.79 3.14 -11.46
NZ 4HA F . 23.55 1.98 -12.32
MG MG G . 33.59 7.19 -13.87
PA FAD H . -13.46 -5.54 11.45
O1A FAD H . -12.99 -4.59 10.38
O2A FAD H . -14.76 -6.27 11.28
O5B FAD H . -13.39 -4.84 12.86
C5B FAD H . -12.47 -3.82 13.21
C4B FAD H . -13.18 -2.79 14.04
O4B FAD H . -12.25 -1.73 14.38
C3B FAD H . -14.39 -2.10 13.39
O3B FAD H . -15.57 -2.21 14.22
C2B FAD H . -13.96 -0.67 13.25
O2B FAD H . -14.94 0.33 13.40
C1B FAD H . -12.95 -0.48 14.36
N9A FAD H . -11.92 0.54 14.21
C8A FAD H . -11.14 0.77 13.14
N7A FAD H . -10.22 1.76 13.45
C5A FAD H . -10.43 2.07 14.76
C6A FAD H . -9.79 2.91 15.66
N6A FAD H . -8.75 3.68 15.24
N1A FAD H . -10.26 3.00 16.94
C2A FAD H . -11.30 2.25 17.36
N3A FAD H . -11.88 1.38 16.53
C4A FAD H . -11.48 1.28 15.23
N1 FAD H . -16.67 -12.80 5.56
C2 FAD H . -17.36 -13.97 5.67
O2 FAD H . -16.96 -14.83 6.47
N3 FAD H . -18.48 -14.24 4.92
C4 FAD H . -18.88 -13.33 4.00
O4 FAD H . -19.97 -13.54 3.37
C4X FAD H . -18.13 -12.15 3.78
N5 FAD H . -18.52 -11.20 2.92
C5X FAD H . -18.03 -9.94 2.95
C6 FAD H . -18.66 -8.89 2.26
C7 FAD H . -18.36 -7.54 2.49
C7M FAD H . -19.00 -6.45 1.66
C8 FAD H . -17.50 -7.20 3.53
C8M FAD H . -17.16 -5.82 4.01
C9 FAD H . -16.90 -8.25 4.25
C9A FAD H . -17.15 -9.60 3.99
N10 FAD H . -16.47 -10.66 4.56
C10 FAD H . -17.10 -11.83 4.68
C1' FAD H . -15.31 -10.46 5.46
C2' FAD H . -15.65 -10.32 6.93
O2' FAD H . -16.69 -9.33 7.17
C3' FAD H . -14.36 -9.91 7.73
O3' FAD H . -13.35 -10.86 7.46
C4' FAD H . -14.56 -9.86 9.23
O4' FAD H . -15.74 -9.17 9.65
C5' FAD H . -13.33 -9.05 9.76
O5' FAD H . -13.40 -8.88 11.15
P FAD H . -12.28 -8.18 12.08
O1P FAD H . -12.80 -8.21 13.47
O2P FAD H . -10.94 -8.75 11.66
O3P FAD H . -12.32 -6.70 11.51
N1 SPD I . -17.23 -21.38 -11.94
C2 SPD I . -17.21 -19.94 -11.66
C3 SPD I . -17.50 -19.59 -10.21
C4 SPD I . -17.75 -18.12 -10.00
C5 SPD I . -18.71 -17.87 -8.85
N6 SPD I . -17.98 -17.91 -7.59
C7 SPD I . -17.91 -16.62 -6.90
C8 SPD I . -17.76 -16.76 -5.40
C9 SPD I . -18.54 -15.71 -4.64
N10 SPD I . -17.81 -15.21 -3.46
C1 GOL J . -6.93 -28.63 -1.35
O1 GOL J . -7.08 -29.99 -0.94
C2 GOL J . -5.66 -28.10 -0.77
O2 GOL J . -4.58 -28.57 -1.56
C3 GOL J . -5.62 -26.59 -0.62
O3 GOL J . -4.99 -25.98 -1.73
C1 GOL K . -6.71 -25.14 6.24
O1 GOL K . -5.88 -25.55 5.15
C2 GOL K . -8.18 -25.39 5.98
O2 GOL K . -8.46 -26.79 5.80
C3 GOL K . -9.05 -24.87 7.11
O3 GOL K . -9.78 -23.74 6.67
MG MG L . -27.30 -23.70 -8.09
MG MG M . -2.89 -28.23 4.13
#